data_9F23
#
_entry.id   9F23
#
_cell.length_a   61.870
_cell.length_b   95.160
_cell.length_c   69.470
_cell.angle_alpha   90.00
_cell.angle_beta   115.76
_cell.angle_gamma   90.00
#
_symmetry.space_group_name_H-M   'P 1 21 1'
#
loop_
_entity.id
_entity.type
_entity.pdbx_description
1 polymer 'Green fluorescent protein'
2 polymer 'DARPin DP2'
3 non-polymer 2-[[(2S)-2-oxidanylpropoxy]methyl]-2-[[(2S)-2-[(2S)-2-oxidanylpropoxy]propoxy]methyl]propane-1,3-diol
4 non-polymer 1,2-ETHANEDIOL
5 non-polymer 'SODIUM ION'
6 non-polymer 2-AMINO-2-HYDROXYMETHYL-PROPANE-1,3-DIOL
7 non-polymer (2S)-1-[3-{[(2R)-2-hydroxypropyl]oxy}-2,2-bis({[(2R)-2-hydroxypropyl]oxy}methyl)propoxy]propan-2-ol
8 water water
#
loop_
_entity_poly.entity_id
_entity_poly.type
_entity_poly.pdbx_seq_one_letter_code
_entity_poly.pdbx_strand_id
1 'polypeptide(L)'
;GPGSMVSKGEELFTGVVPILVELDGDVNGHKFSVSGEGEGDATYGKLTLKFICTTGKLPVPWPTLVTTL(CRO)VQCFSR
YPDHMKQHDFFKSAMPEGYVQERTIFFKDDGNYKTRAEVKFEGDTLVNRIELKGIDFKEDGNILGHKLEYNYNSHNVYIM
ADKQKNGIKVNFKIRHNIEDGSVQLADHYQQNTPIGDGPVLLPDNHYLSTQSALSKDPNEKRDHMVLLEFVTAAGITLGM
DELYKQA
;
A,C
2 'polypeptide(L)'
;GPGSDLGKKLLEAARAGQDDEVRILMANGADVNADDMFGITPLHLAAMVGHLEIVEVLLKHGADVNATDLLGHTPLHLAA
IIGHLEIVEVLLKHGADVNAQDKFGKTAFDISIDNGNEDLAEILQKLN
;
B,D
#
loop_
_chem_comp.id
_chem_comp.type
_chem_comp.name
_chem_comp.formula
A1H87 non-polymer 2-[[(2S)-2-oxidanylpropoxy]methyl]-2-[[(2S)-2-[(2S)-2-oxidanylpropoxy]propoxy]methyl]propane-1,3-diol 'C14 H30 O7'
EDO non-polymer 1,2-ETHANEDIOL 'C2 H6 O2'
NA non-polymer 'SODIUM ION' 'Na 1'
PXN non-polymer (2S)-1-[3-{[(2R)-2-hydroxypropyl]oxy}-2,2-bis({[(2R)-2-hydroxypropyl]oxy}methyl)propoxy]propan-2-ol 'C17 H36 O8'
TRS non-polymer 2-AMINO-2-HYDROXYMETHYL-PROPANE-1,3-DIOL 'C4 H12 N O3 1'
#
# COMPACT_ATOMS: atom_id res chain seq x y z
N SER A 7 -3.72 -18.24 12.47
CA SER A 7 -2.51 -18.48 11.62
C SER A 7 -1.68 -17.20 11.52
N LYS A 8 -0.41 -17.35 11.12
CA LYS A 8 0.44 -16.23 10.77
C LYS A 8 -0.09 -15.54 9.51
N GLY A 9 -0.67 -16.31 8.57
CA GLY A 9 -1.23 -15.73 7.35
C GLY A 9 -2.33 -14.70 7.63
N GLU A 10 -3.18 -14.94 8.64
CA GLU A 10 -4.26 -14.00 8.92
C GLU A 10 -3.74 -12.61 9.27
N GLU A 11 -2.48 -12.48 9.72
CA GLU A 11 -1.94 -11.16 10.08
C GLU A 11 -1.80 -10.23 8.86
N LEU A 12 -1.74 -10.78 7.65
CA LEU A 12 -1.57 -10.00 6.44
C LEU A 12 -2.87 -9.33 6.02
N PHE A 13 -3.99 -9.63 6.72
CA PHE A 13 -5.32 -9.23 6.28
C PHE A 13 -6.03 -8.32 7.29
N THR A 14 -5.29 -7.83 8.29
CA THR A 14 -5.89 -7.08 9.39
C THR A 14 -6.25 -5.65 8.97
N GLY A 15 -5.72 -5.17 7.83
CA GLY A 15 -6.09 -3.88 7.28
C GLY A 15 -6.61 -4.03 5.85
N VAL A 16 -6.51 -2.95 5.08
CA VAL A 16 -6.97 -2.90 3.71
C VAL A 16 -5.82 -3.38 2.81
N VAL A 17 -6.12 -4.39 1.98
CA VAL A 17 -5.11 -5.00 1.12
C VAL A 17 -5.49 -4.70 -0.33
N PRO A 18 -4.57 -4.14 -1.14
CA PRO A 18 -4.88 -3.94 -2.56
C PRO A 18 -4.95 -5.29 -3.28
N ILE A 19 -5.79 -5.36 -4.32
CA ILE A 19 -6.08 -6.59 -5.06
C ILE A 19 -5.86 -6.32 -6.54
N LEU A 20 -5.26 -7.30 -7.23
CA LEU A 20 -5.23 -7.32 -8.70
C LEU A 20 -5.79 -8.69 -9.13
N VAL A 21 -6.63 -8.67 -10.17
CA VAL A 21 -7.18 -9.85 -10.76
C VAL A 21 -6.90 -9.80 -12.26
N GLU A 22 -6.43 -10.93 -12.79
N GLU A 22 -6.31 -10.89 -12.78
CA GLU A 22 -6.22 -11.10 -14.22
CA GLU A 22 -6.00 -11.02 -14.19
C GLU A 22 -6.86 -12.41 -14.64
C GLU A 22 -6.47 -12.38 -14.70
N LEU A 23 -7.69 -12.37 -15.69
N LEU A 23 -7.39 -12.34 -15.68
CA LEU A 23 -8.27 -13.57 -16.25
CA LEU A 23 -8.10 -13.49 -16.23
C LEU A 23 -8.02 -13.60 -17.75
C LEU A 23 -7.90 -13.56 -17.74
N ASP A 24 -7.55 -14.76 -18.21
CA ASP A 24 -7.48 -15.07 -19.62
C ASP A 24 -8.49 -16.19 -19.89
N GLY A 25 -9.39 -15.93 -20.82
CA GLY A 25 -10.54 -16.79 -21.04
C GLY A 25 -10.68 -17.20 -22.49
N ASP A 26 -11.25 -18.39 -22.69
CA ASP A 26 -11.63 -18.87 -24.02
C ASP A 26 -12.95 -19.61 -23.86
N VAL A 27 -14.05 -19.08 -24.41
CA VAL A 27 -15.35 -19.73 -24.29
C VAL A 27 -15.86 -20.05 -25.70
N ASN A 28 -16.00 -21.35 -26.01
CA ASN A 28 -16.37 -21.77 -27.37
C ASN A 28 -15.45 -21.11 -28.40
N GLY A 29 -14.17 -20.93 -28.06
CA GLY A 29 -13.22 -20.30 -29.00
C GLY A 29 -13.19 -18.77 -28.97
N HIS A 30 -14.13 -18.12 -28.30
CA HIS A 30 -14.10 -16.68 -28.07
C HIS A 30 -13.03 -16.40 -26.99
N LYS A 31 -11.96 -15.71 -27.39
N LYS A 31 -11.93 -15.78 -27.40
CA LYS A 31 -10.84 -15.39 -26.51
CA LYS A 31 -10.87 -15.41 -26.47
C LYS A 31 -11.01 -13.99 -25.93
C LYS A 31 -11.18 -14.05 -25.88
N PHE A 32 -10.82 -13.85 -24.62
CA PHE A 32 -11.01 -12.57 -23.97
C PHE A 32 -10.13 -12.51 -22.73
N SER A 33 -9.93 -11.28 -22.25
CA SER A 33 -9.14 -11.04 -21.07
C SER A 33 -9.88 -10.04 -20.19
N VAL A 34 -9.74 -10.22 -18.86
CA VAL A 34 -10.32 -9.31 -17.88
C VAL A 34 -9.22 -8.89 -16.90
N SER A 35 -9.18 -7.59 -16.57
N SER A 35 -9.16 -7.60 -16.59
CA SER A 35 -8.32 -7.11 -15.50
CA SER A 35 -8.37 -7.14 -15.47
C SER A 35 -9.16 -6.39 -14.46
C SER A 35 -9.30 -6.52 -14.44
N GLY A 36 -8.94 -6.72 -13.17
CA GLY A 36 -9.63 -6.05 -12.07
C GLY A 36 -8.66 -5.47 -11.05
N GLU A 37 -9.09 -4.40 -10.38
CA GLU A 37 -8.29 -3.87 -9.28
C GLU A 37 -9.22 -3.27 -8.24
N GLY A 38 -8.78 -3.36 -7.00
CA GLY A 38 -9.54 -2.78 -5.91
C GLY A 38 -8.90 -3.13 -4.58
N GLU A 39 -9.74 -3.40 -3.58
CA GLU A 39 -9.29 -3.58 -2.20
C GLU A 39 -10.14 -4.60 -1.49
N GLY A 40 -9.47 -5.28 -0.56
CA GLY A 40 -10.11 -6.21 0.32
C GLY A 40 -9.89 -5.83 1.78
N ASP A 41 -10.96 -5.95 2.56
CA ASP A 41 -10.98 -5.56 3.96
C ASP A 41 -11.56 -6.72 4.78
N ALA A 42 -10.73 -7.74 4.99
CA ALA A 42 -11.20 -9.06 5.41
C ALA A 42 -11.73 -9.05 6.84
N THR A 43 -11.30 -8.07 7.64
CA THR A 43 -11.81 -7.93 8.99
C THR A 43 -13.34 -7.78 8.95
N TYR A 44 -13.86 -7.21 7.85
CA TYR A 44 -15.29 -6.97 7.70
C TYR A 44 -15.88 -7.87 6.62
N GLY A 45 -15.10 -8.75 6.01
CA GLY A 45 -15.53 -9.57 4.91
C GLY A 45 -15.84 -8.77 3.66
N LYS A 46 -15.20 -7.61 3.50
CA LYS A 46 -15.60 -6.67 2.46
C LYS A 46 -14.63 -6.67 1.28
N LEU A 47 -15.19 -6.72 0.06
N LEU A 47 -15.20 -6.57 0.07
CA LEU A 47 -14.41 -6.56 -1.16
CA LEU A 47 -14.44 -6.60 -1.15
C LEU A 47 -15.04 -5.46 -2.00
C LEU A 47 -15.03 -5.56 -2.09
N THR A 48 -14.17 -4.68 -2.65
CA THR A 48 -14.60 -3.66 -3.58
C THR A 48 -13.69 -3.75 -4.81
N LEU A 49 -14.24 -4.13 -5.96
CA LEU A 49 -13.42 -4.28 -7.17
C LEU A 49 -14.10 -3.64 -8.37
N LYS A 50 -13.26 -3.22 -9.32
CA LYS A 50 -13.73 -2.84 -10.64
C LYS A 50 -12.99 -3.66 -11.69
N PHE A 51 -13.74 -4.23 -12.65
CA PHE A 51 -13.17 -5.11 -13.67
C PHE A 51 -13.41 -4.49 -15.05
N ILE A 52 -12.46 -4.68 -15.96
N ILE A 52 -12.44 -4.60 -15.96
CA ILE A 52 -12.57 -4.20 -17.33
CA ILE A 52 -12.64 -4.18 -17.34
C ILE A 52 -12.28 -5.38 -18.25
C ILE A 52 -12.28 -5.34 -18.26
N CYS A 53 -13.04 -5.49 -19.36
CA CYS A 53 -12.63 -6.38 -20.43
C CYS A 53 -11.60 -5.65 -21.30
N THR A 54 -10.37 -6.14 -21.28
CA THR A 54 -9.25 -5.47 -21.93
C THR A 54 -9.20 -5.83 -23.41
N THR A 55 -10.00 -6.80 -23.86
CA THR A 55 -9.97 -7.23 -25.25
C THR A 55 -11.15 -6.68 -26.05
N GLY A 56 -12.03 -5.89 -25.43
CA GLY A 56 -13.17 -5.33 -26.16
C GLY A 56 -14.47 -5.63 -25.42
N LYS A 57 -15.46 -6.18 -26.13
N LYS A 57 -15.43 -6.23 -26.14
CA LYS A 57 -16.68 -6.62 -25.46
CA LYS A 57 -16.70 -6.68 -25.57
C LYS A 57 -16.46 -8.02 -24.90
C LYS A 57 -16.48 -8.06 -24.93
N LEU A 58 -17.01 -8.22 -23.70
CA LEU A 58 -17.03 -9.51 -23.05
C LEU A 58 -17.98 -10.43 -23.81
N PRO A 59 -17.54 -11.62 -24.26
CA PRO A 59 -18.43 -12.50 -25.01
C PRO A 59 -19.41 -13.33 -24.20
N VAL A 60 -19.31 -13.22 -22.87
CA VAL A 60 -20.22 -13.90 -21.96
C VAL A 60 -20.77 -12.83 -21.01
N PRO A 61 -21.87 -13.11 -20.31
CA PRO A 61 -22.38 -12.13 -19.34
C PRO A 61 -21.47 -12.01 -18.12
N TRP A 62 -21.28 -10.77 -17.69
CA TRP A 62 -20.46 -10.46 -16.53
C TRP A 62 -20.81 -11.33 -15.33
N PRO A 63 -22.10 -11.55 -14.99
CA PRO A 63 -22.40 -12.34 -13.79
C PRO A 63 -21.83 -13.75 -13.81
N THR A 64 -21.66 -14.36 -14.99
CA THR A 64 -21.14 -15.73 -15.09
C THR A 64 -19.69 -15.80 -14.63
N LEU A 65 -18.97 -14.66 -14.55
CA LEU A 65 -17.55 -14.62 -14.19
C LEU A 65 -17.31 -14.22 -12.73
N VAL A 66 -18.36 -13.86 -11.97
CA VAL A 66 -18.16 -13.32 -10.64
C VAL A 66 -17.42 -14.32 -9.74
N THR A 67 -17.85 -15.59 -9.72
CA THR A 67 -17.20 -16.54 -8.81
C THR A 67 -15.73 -16.77 -9.20
N THR A 68 -15.41 -16.67 -10.48
CA THR A 68 -14.06 -16.94 -10.96
C THR A 68 -13.13 -15.80 -10.54
N LEU A 69 -13.61 -14.57 -10.75
CA LEU A 69 -12.91 -13.33 -10.43
C LEU A 69 -12.81 -13.14 -8.91
N1 CRO A 70 -13.86 -13.42 -8.18
CA1 CRO A 70 -13.87 -13.24 -6.73
CB1 CRO A 70 -14.69 -12.04 -6.27
CG1 CRO A 70 -14.19 -10.78 -6.94
OG1 CRO A 70 -16.06 -12.20 -6.62
C1 CRO A 70 -14.29 -14.52 -6.08
N2 CRO A 70 -15.59 -14.74 -5.66
N3 CRO A 70 -13.52 -15.65 -5.99
C2 CRO A 70 -14.27 -16.68 -5.49
O2 CRO A 70 -13.87 -17.84 -5.35
CA2 CRO A 70 -15.62 -16.11 -5.32
CA3 CRO A 70 -12.15 -15.79 -6.48
C3 CRO A 70 -11.10 -15.53 -5.41
O3 CRO A 70 -9.98 -16.05 -5.53
CB2 CRO A 70 -16.69 -16.85 -4.95
CG2 CRO A 70 -18.07 -16.45 -4.67
CD1 CRO A 70 -18.98 -17.46 -4.29
CD2 CRO A 70 -18.61 -15.20 -5.00
CE1 CRO A 70 -20.33 -17.20 -4.16
CE2 CRO A 70 -19.97 -14.93 -4.88
CZ CRO A 70 -20.83 -15.93 -4.46
OH CRO A 70 -22.13 -15.72 -4.18
N VAL A 71 -11.39 -14.68 -4.43
CA VAL A 71 -10.39 -14.28 -3.45
C VAL A 71 -11.00 -14.45 -2.06
N GLN A 72 -11.28 -15.72 -1.75
CA GLN A 72 -12.07 -16.08 -0.56
C GLN A 72 -11.24 -15.90 0.72
N CYS A 73 -9.96 -15.57 0.59
CA CYS A 73 -9.15 -15.10 1.71
C CYS A 73 -9.66 -13.78 2.34
N PHE A 74 -10.52 -13.03 1.64
CA PHE A 74 -11.12 -11.82 2.19
C PHE A 74 -12.46 -12.06 2.88
N SER A 75 -12.89 -13.34 3.00
CA SER A 75 -14.04 -13.68 3.83
C SER A 75 -13.78 -13.29 5.28
N ARG A 76 -14.84 -12.87 5.98
CA ARG A 76 -14.72 -12.72 7.42
C ARG A 76 -14.97 -14.06 8.13
N TYR A 77 -14.01 -14.49 8.94
CA TYR A 77 -14.20 -15.58 9.89
C TYR A 77 -14.41 -14.94 11.25
N PRO A 78 -15.62 -15.07 11.85
CA PRO A 78 -15.88 -14.55 13.19
C PRO A 78 -14.97 -15.23 14.19
N ASP A 79 -14.87 -14.60 15.37
CA ASP A 79 -13.93 -15.02 16.39
C ASP A 79 -14.01 -16.51 16.71
N HIS A 80 -15.23 -17.06 16.79
CA HIS A 80 -15.39 -18.47 17.17
C HIS A 80 -14.99 -19.39 16.02
N MET A 81 -14.67 -18.86 14.83
CA MET A 81 -14.38 -19.69 13.66
C MET A 81 -12.95 -19.52 13.12
N LYS A 82 -12.08 -18.78 13.82
CA LYS A 82 -10.80 -18.41 13.25
C LYS A 82 -9.92 -19.62 12.90
N GLN A 83 -10.05 -20.71 13.67
CA GLN A 83 -9.26 -21.90 13.44
C GLN A 83 -9.66 -22.63 12.15
N HIS A 84 -10.71 -22.16 11.45
CA HIS A 84 -11.26 -22.88 10.30
C HIS A 84 -11.00 -22.14 9.00
N ASP A 85 -10.15 -21.09 9.03
CA ASP A 85 -9.87 -20.27 7.86
C ASP A 85 -8.62 -20.77 7.12
N PHE A 86 -8.85 -21.73 6.22
CA PHE A 86 -7.82 -22.28 5.39
C PHE A 86 -7.16 -21.19 4.55
N PHE A 87 -8.01 -20.34 3.94
CA PHE A 87 -7.58 -19.44 2.88
C PHE A 87 -6.45 -18.51 3.33
N LYS A 88 -6.61 -17.85 4.47
CA LYS A 88 -5.57 -16.96 4.96
C LYS A 88 -4.37 -17.76 5.49
N SER A 89 -4.59 -18.97 6.02
CA SER A 89 -3.52 -19.75 6.58
C SER A 89 -2.50 -20.14 5.52
N ALA A 90 -2.93 -20.18 4.24
CA ALA A 90 -2.09 -20.55 3.11
C ALA A 90 -1.19 -19.37 2.67
N MET A 91 -1.47 -18.17 3.17
CA MET A 91 -0.80 -16.95 2.72
C MET A 91 0.47 -16.71 3.51
N PRO A 92 1.52 -16.07 2.94
CA PRO A 92 1.50 -15.44 1.61
C PRO A 92 1.82 -16.27 0.38
N GLU A 93 2.33 -17.50 0.57
CA GLU A 93 2.67 -18.35 -0.57
C GLU A 93 1.46 -18.62 -1.46
N GLY A 94 0.27 -18.70 -0.84
CA GLY A 94 -1.03 -18.73 -1.50
C GLY A 94 -1.55 -20.13 -1.77
N TYR A 95 -2.55 -20.20 -2.65
CA TYR A 95 -3.19 -21.46 -3.02
C TYR A 95 -3.58 -21.47 -4.49
N VAL A 96 -3.70 -22.69 -5.02
CA VAL A 96 -4.31 -22.88 -6.32
C VAL A 96 -5.79 -23.20 -6.08
N GLN A 97 -6.64 -22.56 -6.87
CA GLN A 97 -8.09 -22.74 -6.78
C GLN A 97 -8.54 -23.23 -8.14
N GLU A 98 -9.06 -24.46 -8.17
N GLU A 98 -9.07 -24.46 -8.17
CA GLU A 98 -9.59 -25.02 -9.40
CA GLU A 98 -9.57 -25.03 -9.41
C GLU A 98 -11.09 -25.18 -9.28
C GLU A 98 -11.08 -25.23 -9.29
N ARG A 99 -11.79 -25.00 -10.40
CA ARG A 99 -13.21 -25.29 -10.46
C ARG A 99 -13.59 -25.96 -11.79
N THR A 100 -14.71 -26.69 -11.74
CA THR A 100 -15.58 -26.91 -12.89
C THR A 100 -16.93 -26.30 -12.49
N ILE A 101 -17.50 -25.52 -13.40
CA ILE A 101 -18.82 -24.91 -13.25
C ILE A 101 -19.70 -25.42 -14.37
N PHE A 102 -20.75 -26.17 -13.98
CA PHE A 102 -21.70 -26.74 -14.92
C PHE A 102 -22.94 -25.87 -14.94
N PHE A 103 -23.14 -25.17 -16.07
CA PHE A 103 -24.36 -24.44 -16.30
C PHE A 103 -25.43 -25.42 -16.75
N LYS A 104 -26.49 -25.56 -15.97
CA LYS A 104 -27.54 -26.49 -16.31
C LYS A 104 -28.09 -26.24 -17.72
N ASP A 105 -28.18 -27.34 -18.48
CA ASP A 105 -28.71 -27.38 -19.84
C ASP A 105 -27.88 -26.50 -20.78
N ASP A 106 -26.58 -26.34 -20.47
CA ASP A 106 -25.68 -25.55 -21.29
C ASP A 106 -24.26 -26.04 -21.03
N GLY A 107 -23.25 -25.25 -21.39
CA GLY A 107 -21.86 -25.65 -21.31
C GLY A 107 -21.28 -25.56 -19.89
N ASN A 108 -19.95 -25.67 -19.84
CA ASN A 108 -19.23 -25.63 -18.57
C ASN A 108 -17.98 -24.77 -18.71
N TYR A 109 -17.65 -24.14 -17.58
CA TYR A 109 -16.33 -23.51 -17.41
C TYR A 109 -15.43 -24.41 -16.58
N LYS A 110 -14.14 -24.42 -16.95
CA LYS A 110 -13.11 -24.97 -16.08
C LYS A 110 -12.11 -23.86 -15.83
N THR A 111 -11.69 -23.75 -14.57
CA THR A 111 -10.81 -22.67 -14.21
C THR A 111 -9.66 -23.16 -13.34
N ARG A 112 -8.51 -22.52 -13.52
CA ARG A 112 -7.39 -22.70 -12.63
C ARG A 112 -6.87 -21.30 -12.28
N ALA A 113 -6.75 -21.04 -10.99
CA ALA A 113 -6.29 -19.76 -10.49
C ALA A 113 -5.18 -19.95 -9.47
N GLU A 114 -4.24 -19.01 -9.47
CA GLU A 114 -3.27 -18.89 -8.40
C GLU A 114 -3.58 -17.61 -7.65
N VAL A 115 -3.75 -17.73 -6.32
CA VAL A 115 -4.08 -16.61 -5.46
C VAL A 115 -2.95 -16.50 -4.45
N LYS A 116 -2.22 -15.38 -4.48
N LYS A 116 -2.18 -15.40 -4.52
CA LYS A 116 -1.06 -15.22 -3.62
CA LYS A 116 -1.00 -15.25 -3.68
C LYS A 116 -0.65 -13.77 -3.59
C LYS A 116 -0.62 -13.77 -3.61
N PHE A 117 0.21 -13.41 -2.63
CA PHE A 117 0.83 -12.09 -2.60
C PHE A 117 1.93 -11.99 -3.66
N GLU A 118 1.88 -10.88 -4.41
CA GLU A 118 2.94 -10.44 -5.30
C GLU A 118 3.34 -9.03 -4.83
N GLY A 119 4.53 -8.90 -4.25
CA GLY A 119 4.80 -7.74 -3.41
C GLY A 119 3.73 -7.66 -2.31
N ASP A 120 3.15 -6.45 -2.17
N ASP A 120 3.18 -6.47 -2.07
CA ASP A 120 2.18 -6.13 -1.14
CA ASP A 120 2.19 -6.37 -1.00
C ASP A 120 0.76 -6.48 -1.56
C ASP A 120 0.77 -6.41 -1.57
N THR A 121 0.57 -6.90 -2.81
CA THR A 121 -0.75 -6.97 -3.41
C THR A 121 -1.22 -8.42 -3.49
N LEU A 122 -2.47 -8.67 -3.13
CA LEU A 122 -3.08 -9.98 -3.31
C LEU A 122 -3.52 -10.06 -4.77
N VAL A 123 -3.02 -11.09 -5.46
CA VAL A 123 -3.23 -11.23 -6.89
C VAL A 123 -3.89 -12.58 -7.18
N ASN A 124 -4.98 -12.53 -7.96
CA ASN A 124 -5.70 -13.69 -8.43
C ASN A 124 -5.49 -13.77 -9.93
N ARG A 125 -4.66 -14.75 -10.39
CA ARG A 125 -4.45 -14.94 -11.82
C ARG A 125 -5.14 -16.22 -12.28
N ILE A 126 -5.99 -16.09 -13.30
CA ILE A 126 -6.92 -17.15 -13.69
C ILE A 126 -6.77 -17.48 -15.18
N GLU A 127 -6.87 -18.79 -15.46
CA GLU A 127 -7.16 -19.26 -16.81
C GLU A 127 -8.51 -19.97 -16.81
N LEU A 128 -9.33 -19.64 -17.80
CA LEU A 128 -10.71 -20.15 -17.90
C LEU A 128 -10.93 -20.69 -19.29
N LYS A 129 -11.50 -21.91 -19.36
CA LYS A 129 -11.85 -22.51 -20.62
C LYS A 129 -13.31 -22.95 -20.54
N GLY A 130 -14.13 -22.46 -21.47
CA GLY A 130 -15.52 -22.84 -21.53
C GLY A 130 -15.82 -23.58 -22.84
N ILE A 131 -16.60 -24.66 -22.73
CA ILE A 131 -16.92 -25.50 -23.88
C ILE A 131 -18.40 -25.88 -23.83
N ASP A 132 -18.91 -26.24 -25.01
CA ASP A 132 -20.20 -26.91 -25.19
C ASP A 132 -21.34 -25.92 -24.93
N PHE A 133 -21.10 -24.61 -25.05
CA PHE A 133 -22.18 -23.66 -24.84
C PHE A 133 -23.07 -23.57 -26.07
N LYS A 134 -24.37 -23.42 -25.82
CA LYS A 134 -25.34 -23.27 -26.90
C LYS A 134 -25.31 -21.83 -27.42
N GLU A 135 -25.31 -21.68 -28.74
CA GLU A 135 -25.10 -20.36 -29.34
C GLU A 135 -26.29 -19.43 -29.00
N ASP A 136 -27.49 -19.98 -28.79
CA ASP A 136 -28.63 -19.16 -28.40
C ASP A 136 -29.13 -19.51 -26.99
N GLY A 137 -28.24 -20.06 -26.17
CA GLY A 137 -28.59 -20.33 -24.78
C GLY A 137 -28.49 -19.06 -23.94
N ASN A 138 -28.62 -19.20 -22.63
CA ASN A 138 -28.69 -18.01 -21.78
C ASN A 138 -27.32 -17.32 -21.71
N ILE A 139 -26.22 -18.09 -21.85
CA ILE A 139 -24.89 -17.50 -21.69
C ILE A 139 -24.49 -16.79 -22.97
N LEU A 140 -24.38 -17.52 -24.08
CA LEU A 140 -23.90 -16.90 -25.31
C LEU A 140 -24.98 -16.01 -25.91
N GLY A 141 -26.26 -16.20 -25.53
CA GLY A 141 -27.34 -15.32 -25.96
C GLY A 141 -27.55 -14.10 -25.06
N HIS A 142 -26.83 -14.02 -23.92
CA HIS A 142 -26.81 -12.84 -23.06
C HIS A 142 -28.22 -12.60 -22.52
N LYS A 143 -28.80 -13.63 -21.89
CA LYS A 143 -30.17 -13.54 -21.40
C LYS A 143 -30.18 -13.40 -19.88
N LEU A 144 -28.99 -13.27 -19.29
CA LEU A 144 -28.85 -13.13 -17.85
C LEU A 144 -29.10 -11.68 -17.42
N GLU A 145 -29.86 -11.50 -16.36
CA GLU A 145 -29.99 -10.17 -15.76
C GLU A 145 -28.66 -9.74 -15.16
N TYR A 146 -28.44 -8.43 -15.16
CA TYR A 146 -27.22 -7.89 -14.58
C TYR A 146 -27.43 -7.67 -13.08
N ASN A 147 -27.35 -8.77 -12.33
N ASN A 147 -27.25 -8.76 -12.33
CA ASN A 147 -27.56 -8.75 -10.88
CA ASN A 147 -27.61 -8.81 -10.92
C ASN A 147 -27.02 -10.08 -10.34
C ASN A 147 -26.96 -10.05 -10.32
N TYR A 148 -27.19 -10.31 -9.03
CA TYR A 148 -26.57 -11.43 -8.35
C TYR A 148 -27.37 -11.71 -7.10
N ASN A 149 -27.36 -13.00 -6.71
CA ASN A 149 -28.03 -13.50 -5.53
C ASN A 149 -27.01 -13.70 -4.41
N SER A 150 -27.56 -14.17 -3.28
CA SER A 150 -26.80 -14.43 -2.07
C SER A 150 -26.78 -15.94 -1.80
N HIS A 151 -25.57 -16.49 -1.59
CA HIS A 151 -25.35 -17.94 -1.64
C HIS A 151 -24.72 -18.48 -0.37
N ASN A 152 -24.81 -19.80 -0.23
CA ASN A 152 -24.07 -20.54 0.79
C ASN A 152 -22.99 -21.36 0.11
N VAL A 153 -21.73 -21.16 0.52
CA VAL A 153 -20.56 -21.80 -0.10
C VAL A 153 -20.06 -22.89 0.86
N TYR A 154 -20.25 -24.16 0.51
CA TYR A 154 -20.03 -25.22 1.49
C TYR A 154 -18.58 -25.71 1.40
N ILE A 155 -17.94 -25.86 2.56
CA ILE A 155 -16.52 -26.15 2.67
C ILE A 155 -16.29 -27.36 3.57
N MET A 156 -15.42 -28.26 3.08
CA MET A 156 -14.97 -29.35 3.91
C MET A 156 -13.47 -29.53 3.68
N ALA A 157 -12.81 -30.07 4.69
CA ALA A 157 -11.39 -30.37 4.56
C ALA A 157 -11.21 -31.61 3.69
N ASP A 158 -10.12 -31.61 2.93
CA ASP A 158 -9.57 -32.82 2.35
C ASP A 158 -8.24 -33.02 3.05
N LYS A 159 -8.27 -33.64 4.23
CA LYS A 159 -7.10 -33.66 5.09
C LYS A 159 -5.94 -34.38 4.41
N GLN A 160 -6.25 -35.46 3.66
CA GLN A 160 -5.25 -36.25 2.96
C GLN A 160 -4.44 -35.42 1.97
N LYS A 161 -5.04 -34.40 1.36
CA LYS A 161 -4.40 -33.57 0.32
C LYS A 161 -4.09 -32.16 0.84
N ASN A 162 -4.15 -31.99 2.17
CA ASN A 162 -3.84 -30.74 2.83
C ASN A 162 -4.57 -29.54 2.21
N GLY A 163 -5.83 -29.71 1.84
CA GLY A 163 -6.57 -28.59 1.28
C GLY A 163 -8.05 -28.72 1.60
N ILE A 164 -8.86 -28.11 0.75
CA ILE A 164 -10.30 -28.07 0.95
C ILE A 164 -11.00 -28.44 -0.35
N LYS A 165 -12.24 -28.94 -0.17
CA LYS A 165 -13.19 -29.12 -1.25
C LYS A 165 -14.41 -28.26 -0.96
N VAL A 166 -14.97 -27.66 -2.02
CA VAL A 166 -15.99 -26.64 -1.91
C VAL A 166 -17.05 -26.92 -2.99
N ASN A 167 -18.32 -26.74 -2.61
N ASN A 167 -18.31 -26.74 -2.63
CA ASN A 167 -19.44 -27.01 -3.50
CA ASN A 167 -19.37 -26.91 -3.62
C ASN A 167 -20.52 -25.96 -3.24
C ASN A 167 -20.53 -26.00 -3.26
N PHE A 168 -21.17 -25.47 -4.31
CA PHE A 168 -22.35 -24.63 -4.18
C PHE A 168 -22.93 -24.46 -5.58
N LYS A 169 -24.20 -24.07 -5.63
CA LYS A 169 -24.83 -23.64 -6.86
C LYS A 169 -25.10 -22.14 -6.83
N ILE A 170 -24.78 -21.48 -7.95
CA ILE A 170 -25.07 -20.07 -8.15
C ILE A 170 -26.40 -19.98 -8.88
N ARG A 171 -27.23 -19.03 -8.45
CA ARG A 171 -28.53 -18.80 -9.09
C ARG A 171 -28.40 -17.54 -9.95
N HIS A 172 -28.47 -17.69 -11.27
CA HIS A 172 -28.46 -16.54 -12.17
C HIS A 172 -29.88 -16.24 -12.66
N ASN A 173 -30.41 -15.06 -12.31
CA ASN A 173 -31.71 -14.65 -12.79
C ASN A 173 -31.66 -14.43 -14.30
N ILE A 174 -32.66 -14.99 -14.98
N ILE A 174 -32.66 -14.97 -14.99
CA ILE A 174 -32.86 -14.82 -16.41
CA ILE A 174 -32.82 -14.83 -16.43
C ILE A 174 -33.91 -13.75 -16.64
C ILE A 174 -33.94 -13.82 -16.69
N GLU A 175 -33.81 -13.07 -17.78
CA GLU A 175 -34.72 -11.97 -18.10
C GLU A 175 -36.18 -12.40 -18.22
N ASP A 176 -36.49 -13.69 -18.40
CA ASP A 176 -37.89 -14.10 -18.47
C ASP A 176 -38.49 -14.49 -17.11
N GLY A 177 -37.73 -14.35 -16.02
CA GLY A 177 -38.18 -14.78 -14.70
C GLY A 177 -37.70 -16.18 -14.30
N SER A 178 -37.06 -16.92 -15.21
CA SER A 178 -36.49 -18.20 -14.83
C SER A 178 -35.15 -17.95 -14.12
N VAL A 179 -34.52 -19.03 -13.64
CA VAL A 179 -33.23 -19.04 -12.98
C VAL A 179 -32.34 -20.09 -13.61
N GLN A 180 -31.14 -19.66 -14.05
CA GLN A 180 -30.10 -20.52 -14.58
C GLN A 180 -29.18 -20.94 -13.43
N LEU A 181 -29.08 -22.24 -13.15
CA LEU A 181 -28.19 -22.74 -12.10
C LEU A 181 -26.80 -23.00 -12.68
N ALA A 182 -25.79 -22.71 -11.88
CA ALA A 182 -24.40 -22.98 -12.22
C ALA A 182 -23.80 -23.77 -11.06
N ASP A 183 -23.54 -25.06 -11.28
N ASP A 183 -23.61 -25.09 -11.28
CA ASP A 183 -23.15 -25.98 -10.23
CA ASP A 183 -23.11 -25.98 -10.26
C ASP A 183 -21.61 -25.97 -10.14
C ASP A 183 -21.60 -25.85 -10.19
N HIS A 184 -21.09 -25.47 -9.01
CA HIS A 184 -19.68 -25.25 -8.80
C HIS A 184 -19.03 -26.37 -7.99
N TYR A 185 -17.98 -26.96 -8.58
CA TYR A 185 -17.15 -27.96 -7.92
C TYR A 185 -15.76 -27.36 -7.80
N GLN A 186 -15.21 -27.33 -6.59
CA GLN A 186 -14.04 -26.51 -6.34
C GLN A 186 -13.07 -27.22 -5.41
N GLN A 187 -11.77 -27.04 -5.68
N GLN A 187 -11.77 -26.98 -5.64
CA GLN A 187 -10.73 -27.56 -4.80
CA GLN A 187 -10.77 -27.54 -4.76
C GLN A 187 -9.71 -26.43 -4.62
C GLN A 187 -9.62 -26.54 -4.65
N ASN A 188 -9.14 -26.37 -3.42
CA ASN A 188 -8.05 -25.46 -3.15
C ASN A 188 -6.90 -26.19 -2.51
N THR A 189 -5.70 -25.89 -3.02
N THR A 189 -5.72 -25.86 -2.99
CA THR A 189 -4.49 -26.58 -2.65
CA THR A 189 -4.52 -26.56 -2.59
C THR A 189 -3.44 -25.53 -2.29
C THR A 189 -3.44 -25.53 -2.28
N PRO A 190 -2.78 -25.60 -1.11
CA PRO A 190 -1.69 -24.68 -0.81
C PRO A 190 -0.54 -24.79 -1.80
N ILE A 191 0.08 -23.65 -2.08
CA ILE A 191 1.28 -23.57 -2.89
C ILE A 191 2.50 -23.89 -2.04
N GLY A 192 2.55 -23.44 -0.79
CA GLY A 192 3.70 -23.65 0.07
C GLY A 192 3.66 -25.02 0.74
N ASP A 193 4.76 -25.31 1.44
CA ASP A 193 4.90 -26.53 2.22
C ASP A 193 4.53 -26.29 3.68
N GLY A 194 4.34 -25.03 4.04
CA GLY A 194 4.06 -24.67 5.41
C GLY A 194 2.73 -25.25 5.86
N PRO A 195 2.48 -25.31 7.19
CA PRO A 195 1.22 -25.83 7.73
C PRO A 195 0.07 -24.87 7.45
N VAL A 196 -1.12 -25.45 7.23
CA VAL A 196 -2.33 -24.70 6.96
C VAL A 196 -3.39 -25.17 7.95
N LEU A 197 -4.45 -24.39 8.07
CA LEU A 197 -5.61 -24.76 8.86
C LEU A 197 -6.57 -25.59 8.02
N LEU A 198 -6.89 -26.79 8.53
CA LEU A 198 -7.82 -27.67 7.85
C LEU A 198 -9.13 -27.63 8.61
N PRO A 199 -10.19 -27.08 8.00
CA PRO A 199 -11.41 -26.73 8.73
C PRO A 199 -12.34 -27.88 9.01
N ASP A 200 -13.15 -27.72 10.07
CA ASP A 200 -14.36 -28.51 10.19
C ASP A 200 -15.33 -28.09 9.09
N ASN A 201 -16.34 -28.92 8.81
CA ASN A 201 -17.30 -28.51 7.79
C ASN A 201 -17.99 -27.20 8.20
N HIS A 202 -18.14 -26.29 7.25
CA HIS A 202 -18.82 -25.03 7.51
C HIS A 202 -19.19 -24.44 6.16
N TYR A 203 -19.76 -23.24 6.15
CA TYR A 203 -20.04 -22.58 4.88
C TYR A 203 -19.74 -21.09 4.98
N LEU A 204 -19.67 -20.45 3.80
CA LEU A 204 -19.61 -19.00 3.71
C LEU A 204 -20.96 -18.48 3.22
N SER A 205 -21.45 -17.42 3.85
CA SER A 205 -22.66 -16.74 3.42
C SER A 205 -22.24 -15.52 2.62
N THR A 206 -22.64 -15.48 1.34
CA THR A 206 -22.10 -14.50 0.40
C THR A 206 -23.17 -13.50 -0.03
N GLN A 207 -22.75 -12.24 -0.24
CA GLN A 207 -23.60 -11.19 -0.79
C GLN A 207 -22.82 -10.39 -1.81
N SER A 208 -23.40 -10.19 -2.98
CA SER A 208 -22.69 -9.48 -4.04
C SER A 208 -23.67 -8.57 -4.75
N ALA A 209 -23.17 -7.38 -5.11
CA ALA A 209 -23.95 -6.46 -5.93
C ALA A 209 -23.09 -5.95 -7.08
N LEU A 210 -23.75 -5.83 -8.24
CA LEU A 210 -23.04 -5.48 -9.46
C LEU A 210 -23.56 -4.13 -9.89
N SER A 211 -22.64 -3.29 -10.36
CA SER A 211 -23.00 -1.97 -10.85
C SER A 211 -22.12 -1.53 -12.00
N LYS A 212 -22.30 -0.28 -12.39
CA LYS A 212 -21.53 0.36 -13.44
C LYS A 212 -20.93 1.65 -12.87
N ASP A 213 -19.80 2.03 -13.48
CA ASP A 213 -19.12 3.29 -13.21
C ASP A 213 -19.56 4.27 -14.29
N PRO A 214 -20.25 5.38 -13.93
CA PRO A 214 -20.83 6.25 -14.96
C PRO A 214 -19.75 6.96 -15.77
N ASN A 215 -18.49 6.87 -15.31
CA ASN A 215 -17.39 7.51 -16.02
C ASN A 215 -16.64 6.51 -16.90
N GLU A 216 -17.02 5.24 -16.88
CA GLU A 216 -16.25 4.22 -17.58
C GLU A 216 -16.92 3.89 -18.92
N LYS A 217 -16.17 3.95 -20.02
CA LYS A 217 -16.74 3.64 -21.33
C LYS A 217 -16.45 2.21 -21.77
N ARG A 218 -15.40 1.59 -21.23
CA ARG A 218 -15.09 0.20 -21.54
C ARG A 218 -16.16 -0.73 -20.94
N ASP A 219 -16.28 -1.94 -21.53
CA ASP A 219 -17.12 -2.99 -20.98
C ASP A 219 -16.54 -3.38 -19.61
N HIS A 220 -17.36 -3.28 -18.56
CA HIS A 220 -16.82 -3.30 -17.20
C HIS A 220 -17.87 -3.75 -16.19
N MET A 221 -17.42 -4.03 -14.96
CA MET A 221 -18.33 -4.41 -13.89
C MET A 221 -17.75 -3.88 -12.59
N VAL A 222 -18.57 -3.14 -11.85
CA VAL A 222 -18.29 -2.74 -10.48
C VAL A 222 -18.93 -3.76 -9.55
N LEU A 223 -18.14 -4.22 -8.57
N LEU A 223 -18.17 -4.22 -8.54
CA LEU A 223 -18.56 -5.32 -7.70
CA LEU A 223 -18.58 -5.34 -7.71
C LEU A 223 -18.29 -4.96 -6.25
C LEU A 223 -18.29 -5.04 -6.24
N LEU A 224 -19.35 -5.09 -5.42
CA LEU A 224 -19.24 -4.96 -3.97
C LEU A 224 -19.64 -6.31 -3.38
N GLU A 225 -18.82 -6.83 -2.47
N GLU A 225 -18.91 -6.80 -2.39
CA GLU A 225 -19.15 -8.09 -1.82
CA GLU A 225 -19.15 -8.14 -1.90
C GLU A 225 -18.95 -7.99 -0.32
C GLU A 225 -18.82 -8.20 -0.42
N PHE A 226 -19.72 -8.82 0.36
CA PHE A 226 -19.55 -9.05 1.77
C PHE A 226 -19.78 -10.54 2.01
N VAL A 227 -18.82 -11.18 2.69
CA VAL A 227 -18.86 -12.61 2.90
C VAL A 227 -18.50 -12.89 4.37
N THR A 228 -19.30 -13.73 5.02
CA THR A 228 -19.04 -14.13 6.42
C THR A 228 -19.18 -15.64 6.56
N ALA A 229 -18.20 -16.28 7.21
CA ALA A 229 -18.25 -17.70 7.47
C ALA A 229 -19.28 -18.00 8.55
N ALA A 230 -19.88 -19.19 8.46
CA ALA A 230 -20.90 -19.62 9.41
C ALA A 230 -21.00 -21.13 9.44
N GLY A 231 -21.87 -21.65 10.33
CA GLY A 231 -22.18 -23.06 10.35
C GLY A 231 -21.50 -23.78 11.51
N ILE A 232 -20.70 -23.04 12.32
CA ILE A 232 -20.16 -23.54 13.57
C ILE A 232 -20.65 -22.65 14.72
N THR A 233 -21.16 -23.25 15.81
CA THR A 233 -21.41 -22.48 17.03
C THR A 233 -20.55 -23.04 18.15
N SER B 4 -15.15 15.98 -4.17
CA SER B 4 -14.78 14.91 -5.16
C SER B 4 -13.40 14.35 -4.82
N ASP B 5 -12.34 15.17 -5.08
CA ASP B 5 -11.02 14.87 -4.57
C ASP B 5 -11.08 14.91 -3.05
N LEU B 6 -11.78 15.92 -2.49
CA LEU B 6 -11.96 16.00 -1.04
C LEU B 6 -12.80 14.82 -0.54
N GLY B 7 -13.78 14.37 -1.33
CA GLY B 7 -14.59 13.23 -0.94
C GLY B 7 -13.75 11.95 -0.79
N LYS B 8 -12.88 11.69 -1.77
CA LYS B 8 -12.03 10.52 -1.71
C LYS B 8 -11.16 10.58 -0.45
N LYS B 9 -10.60 11.77 -0.19
CA LYS B 9 -9.71 11.93 0.95
C LYS B 9 -10.47 11.72 2.25
N LEU B 10 -11.73 12.17 2.28
CA LEU B 10 -12.58 12.03 3.44
C LEU B 10 -12.88 10.55 3.71
N LEU B 11 -13.18 9.78 2.65
CA LEU B 11 -13.38 8.36 2.80
C LEU B 11 -12.16 7.69 3.44
N GLU B 12 -10.97 8.04 2.93
N GLU B 12 -10.99 8.02 2.88
CA GLU B 12 -9.78 7.33 3.34
CA GLU B 12 -9.73 7.42 3.30
C GLU B 12 -9.39 7.74 4.76
C GLU B 12 -9.49 7.71 4.77
N ALA B 13 -9.68 8.98 5.15
CA ALA B 13 -9.44 9.44 6.51
C ALA B 13 -10.37 8.75 7.49
N ALA B 14 -11.65 8.56 7.09
CA ALA B 14 -12.64 7.88 7.91
C ALA B 14 -12.20 6.42 8.13
N ARG B 15 -11.78 5.72 7.07
CA ARG B 15 -11.37 4.31 7.20
C ARG B 15 -10.16 4.19 8.11
N ALA B 16 -9.22 5.16 7.97
CA ALA B 16 -7.96 5.12 8.70
C ALA B 16 -8.08 5.61 10.14
N GLY B 17 -9.22 6.24 10.53
CA GLY B 17 -9.38 6.74 11.88
C GLY B 17 -8.58 8.02 12.14
N GLN B 18 -8.42 8.84 11.09
CA GLN B 18 -7.61 10.03 11.17
C GLN B 18 -8.52 11.21 11.50
N ASP B 19 -8.84 11.38 12.79
CA ASP B 19 -9.94 12.27 13.14
C ASP B 19 -9.62 13.72 12.82
N ASP B 20 -8.38 14.16 13.01
CA ASP B 20 -8.12 15.55 12.71
C ASP B 20 -8.22 15.77 11.21
N GLU B 21 -7.81 14.77 10.40
CA GLU B 21 -7.95 14.89 8.96
C GLU B 21 -9.43 15.02 8.58
N VAL B 22 -10.31 14.23 9.21
CA VAL B 22 -11.74 14.33 8.91
C VAL B 22 -12.26 15.75 9.18
N ARG B 23 -11.91 16.29 10.35
CA ARG B 23 -12.38 17.61 10.73
C ARG B 23 -11.89 18.69 9.77
N ILE B 24 -10.61 18.61 9.37
CA ILE B 24 -10.06 19.64 8.49
C ILE B 24 -10.67 19.51 7.11
N LEU B 25 -10.83 18.25 6.62
CA LEU B 25 -11.41 18.05 5.31
C LEU B 25 -12.84 18.63 5.28
N MET B 26 -13.61 18.45 6.34
N MET B 26 -13.60 18.41 6.37
CA MET B 26 -14.97 18.97 6.31
CA MET B 26 -14.95 18.93 6.47
C MET B 26 -14.97 20.50 6.42
C MET B 26 -14.94 20.46 6.44
N ALA B 27 -14.05 21.06 7.24
CA ALA B 27 -13.95 22.52 7.33
C ALA B 27 -13.59 23.14 5.99
N ASN B 28 -12.89 22.37 5.14
CA ASN B 28 -12.47 22.83 3.82
C ASN B 28 -13.48 22.46 2.73
N GLY B 29 -14.62 21.92 3.13
CA GLY B 29 -15.80 21.80 2.29
C GLY B 29 -16.09 20.41 1.75
N ALA B 30 -15.40 19.37 2.27
CA ALA B 30 -15.66 18.02 1.84
C ALA B 30 -17.13 17.71 2.11
N ASP B 31 -17.74 16.99 1.17
CA ASP B 31 -19.13 16.57 1.35
C ASP B 31 -19.16 15.42 2.35
N VAL B 32 -19.84 15.65 3.48
CA VAL B 32 -19.98 14.66 4.53
C VAL B 32 -20.63 13.38 4.01
N ASN B 33 -21.42 13.50 2.93
CA ASN B 33 -22.18 12.37 2.36
C ASN B 33 -21.57 11.88 1.05
N ALA B 34 -20.30 12.17 0.80
CA ALA B 34 -19.64 11.72 -0.41
C ALA B 34 -19.68 10.20 -0.42
N ASP B 35 -19.85 9.59 -1.59
CA ASP B 35 -19.73 8.15 -1.63
C ASP B 35 -18.83 7.73 -2.79
N ASP B 36 -18.30 6.52 -2.67
CA ASP B 36 -17.53 5.89 -3.73
C ASP B 36 -18.51 5.15 -4.68
N MET B 37 -17.98 4.51 -5.72
CA MET B 37 -18.82 3.89 -6.73
C MET B 37 -19.50 2.64 -6.15
N PHE B 38 -19.17 2.29 -4.90
CA PHE B 38 -19.78 1.14 -4.25
C PHE B 38 -20.89 1.61 -3.31
N GLY B 39 -21.12 2.93 -3.26
CA GLY B 39 -22.16 3.53 -2.42
C GLY B 39 -21.75 3.68 -0.96
N ILE B 40 -20.45 3.59 -0.69
N ILE B 40 -20.45 3.55 -0.69
CA ILE B 40 -19.98 3.65 0.68
CA ILE B 40 -19.89 3.61 0.66
C ILE B 40 -19.60 5.09 1.02
C ILE B 40 -19.61 5.08 1.01
N THR B 41 -20.11 5.52 2.18
CA THR B 41 -19.92 6.86 2.69
C THR B 41 -18.92 6.86 3.84
N PRO B 42 -18.45 8.08 4.25
CA PRO B 42 -17.58 8.18 5.42
C PRO B 42 -18.19 7.60 6.67
N LEU B 43 -19.49 7.84 6.88
CA LEU B 43 -20.10 7.28 8.08
C LEU B 43 -20.14 5.75 8.04
N HIS B 44 -20.39 5.14 6.88
CA HIS B 44 -20.25 3.68 6.77
C HIS B 44 -18.90 3.17 7.27
N LEU B 45 -17.82 3.79 6.78
CA LEU B 45 -16.47 3.38 7.13
C LEU B 45 -16.18 3.57 8.60
N ALA B 46 -16.53 4.73 9.18
CA ALA B 46 -16.22 4.99 10.58
C ALA B 46 -17.02 4.08 11.50
N ALA B 47 -18.25 3.79 11.10
CA ALA B 47 -19.09 2.91 11.92
C ALA B 47 -18.58 1.47 11.87
N MET B 48 -18.15 1.06 10.69
CA MET B 48 -17.63 -0.29 10.49
C MET B 48 -16.41 -0.55 11.38
N VAL B 49 -15.48 0.42 11.41
N VAL B 49 -15.46 0.40 11.39
CA VAL B 49 -14.18 0.25 12.06
CA VAL B 49 -14.21 0.17 12.07
C VAL B 49 -14.27 0.60 13.55
C VAL B 49 -14.34 0.48 13.57
N GLY B 50 -15.30 1.33 13.95
CA GLY B 50 -15.54 1.59 15.35
C GLY B 50 -14.91 2.90 15.85
N HIS B 51 -14.82 3.90 14.96
CA HIS B 51 -14.15 5.16 15.26
C HIS B 51 -15.23 6.12 15.77
N LEU B 52 -15.47 6.09 17.08
CA LEU B 52 -16.59 6.80 17.68
C LEU B 52 -16.51 8.31 17.46
N GLU B 53 -15.33 8.91 17.64
N GLU B 53 -15.34 8.94 17.65
CA GLU B 53 -15.23 10.35 17.59
CA GLU B 53 -15.27 10.40 17.56
C GLU B 53 -15.49 10.79 16.14
C GLU B 53 -15.54 10.79 16.10
N ILE B 54 -15.04 10.00 15.15
CA ILE B 54 -15.32 10.32 13.75
C ILE B 54 -16.83 10.17 13.45
N VAL B 55 -17.46 9.11 13.97
CA VAL B 55 -18.90 8.95 13.74
C VAL B 55 -19.66 10.18 14.25
N GLU B 56 -19.32 10.67 15.44
CA GLU B 56 -20.01 11.81 16.05
C GLU B 56 -19.80 13.09 15.25
N VAL B 57 -18.56 13.31 14.77
CA VAL B 57 -18.28 14.49 13.98
C VAL B 57 -19.07 14.48 12.69
N LEU B 58 -19.12 13.31 12.04
CA LEU B 58 -19.84 13.22 10.78
C LEU B 58 -21.33 13.49 11.01
N LEU B 59 -21.91 12.84 12.03
CA LEU B 59 -23.33 13.00 12.32
C LEU B 59 -23.65 14.46 12.65
N LYS B 60 -22.81 15.13 13.44
CA LYS B 60 -23.05 16.53 13.77
C LYS B 60 -22.99 17.44 12.53
N HIS B 61 -22.31 17.00 11.47
CA HIS B 61 -22.21 17.76 10.25
C HIS B 61 -23.22 17.27 9.21
N GLY B 62 -24.16 16.40 9.60
CA GLY B 62 -25.29 16.06 8.75
C GLY B 62 -25.09 14.78 7.95
N ALA B 63 -24.17 13.88 8.35
CA ALA B 63 -24.04 12.59 7.68
C ALA B 63 -25.38 11.86 7.73
N ASP B 64 -25.76 11.28 6.59
CA ASP B 64 -26.98 10.50 6.46
C ASP B 64 -26.87 9.15 7.17
N VAL B 65 -27.65 9.02 8.26
CA VAL B 65 -27.60 7.85 9.11
C VAL B 65 -28.26 6.66 8.41
N ASN B 66 -29.00 6.93 7.31
CA ASN B 66 -29.75 5.95 6.53
C ASN B 66 -29.13 5.66 5.15
N ALA B 67 -27.90 6.17 4.93
CA ALA B 67 -27.23 5.91 3.69
C ALA B 67 -27.07 4.41 3.43
N THR B 68 -27.19 4.02 2.18
CA THR B 68 -27.03 2.62 1.82
C THR B 68 -25.94 2.45 0.77
N ASP B 69 -25.15 1.38 0.93
CA ASP B 69 -24.20 0.94 -0.09
C ASP B 69 -24.96 0.15 -1.17
N LEU B 70 -24.22 -0.40 -2.14
CA LEU B 70 -24.85 -1.09 -3.25
C LEU B 70 -25.63 -2.30 -2.75
N LEU B 71 -25.26 -2.83 -1.57
CA LEU B 71 -25.94 -4.00 -1.04
C LEU B 71 -27.08 -3.65 -0.09
N GLY B 72 -27.38 -2.34 0.06
CA GLY B 72 -28.40 -1.85 0.97
C GLY B 72 -27.99 -1.89 2.45
N HIS B 73 -26.69 -1.94 2.72
CA HIS B 73 -26.21 -1.86 4.11
C HIS B 73 -26.16 -0.40 4.57
N THR B 74 -26.70 -0.15 5.76
CA THR B 74 -26.64 1.13 6.43
C THR B 74 -25.40 1.12 7.31
N PRO B 75 -24.95 2.28 7.86
CA PRO B 75 -23.85 2.25 8.84
C PRO B 75 -24.15 1.33 10.02
N LEU B 76 -25.41 1.23 10.43
CA LEU B 76 -25.74 0.35 11.55
C LEU B 76 -25.46 -1.11 11.21
N HIS B 77 -25.82 -1.56 10.00
CA HIS B 77 -25.49 -2.93 9.59
C HIS B 77 -23.99 -3.16 9.78
N LEU B 78 -23.18 -2.22 9.28
CA LEU B 78 -21.73 -2.45 9.29
C LEU B 78 -21.18 -2.45 10.74
N ALA B 79 -21.72 -1.59 11.63
CA ALA B 79 -21.33 -1.57 13.03
C ALA B 79 -21.62 -2.88 13.77
N ALA B 80 -22.58 -3.67 13.26
CA ALA B 80 -22.95 -4.93 13.88
C ALA B 80 -21.95 -6.07 13.56
N ILE B 81 -21.04 -5.89 12.59
CA ILE B 81 -20.11 -6.95 12.19
C ILE B 81 -19.18 -7.26 13.36
N ILE B 82 -18.48 -6.23 13.86
CA ILE B 82 -17.66 -6.39 15.05
C ILE B 82 -18.51 -6.17 16.30
N GLY B 83 -19.58 -5.37 16.18
CA GLY B 83 -20.48 -5.15 17.31
C GLY B 83 -20.07 -3.98 18.19
N HIS B 84 -19.79 -2.83 17.56
CA HIS B 84 -19.37 -1.65 18.29
C HIS B 84 -20.56 -0.97 18.99
N LEU B 85 -20.68 -1.21 20.29
CA LEU B 85 -21.89 -0.84 20.99
C LEU B 85 -22.10 0.68 21.08
N GLU B 86 -21.01 1.41 21.36
CA GLU B 86 -21.11 2.85 21.52
C GLU B 86 -21.51 3.47 20.18
N ILE B 87 -21.10 2.84 19.09
CA ILE B 87 -21.46 3.38 17.78
C ILE B 87 -22.92 3.07 17.45
N VAL B 88 -23.38 1.85 17.80
CA VAL B 88 -24.78 1.49 17.67
C VAL B 88 -25.62 2.51 18.41
N GLU B 89 -25.25 2.80 19.65
CA GLU B 89 -26.00 3.73 20.48
C GLU B 89 -26.12 5.10 19.83
N VAL B 90 -25.02 5.63 19.27
N VAL B 90 -24.98 5.64 19.35
CA VAL B 90 -25.07 6.99 18.75
CA VAL B 90 -24.97 6.96 18.71
C VAL B 90 -25.75 7.00 17.38
C VAL B 90 -25.86 6.92 17.47
N LEU B 91 -25.69 5.90 16.61
CA LEU B 91 -26.46 5.85 15.37
C LEU B 91 -27.97 5.86 15.69
N LEU B 92 -28.37 5.10 16.71
CA LEU B 92 -29.78 5.02 17.04
C LEU B 92 -30.25 6.37 17.57
N LYS B 93 -29.42 7.04 18.40
CA LYS B 93 -29.78 8.36 18.91
C LYS B 93 -29.92 9.40 17.80
N HIS B 94 -29.26 9.19 16.65
CA HIS B 94 -29.41 10.06 15.49
C HIS B 94 -30.49 9.54 14.54
N GLY B 95 -31.28 8.55 14.93
CA GLY B 95 -32.43 8.14 14.11
C GLY B 95 -32.17 7.00 13.12
N ALA B 96 -31.11 6.19 13.34
CA ALA B 96 -30.91 5.00 12.53
C ALA B 96 -32.12 4.07 12.68
N ASP B 97 -32.50 3.44 11.58
CA ASP B 97 -33.60 2.49 11.62
C ASP B 97 -33.08 1.13 12.03
N VAL B 98 -33.43 0.72 13.26
CA VAL B 98 -32.89 -0.52 13.77
C VAL B 98 -33.31 -1.74 12.93
N ASN B 99 -34.48 -1.66 12.30
CA ASN B 99 -34.99 -2.77 11.51
C ASN B 99 -34.63 -2.72 10.02
N ALA B 100 -33.78 -1.80 9.61
CA ALA B 100 -33.46 -1.67 8.18
C ALA B 100 -32.96 -3.01 7.61
N GLN B 101 -33.50 -3.33 6.42
CA GLN B 101 -33.09 -4.53 5.71
C GLN B 101 -32.16 -4.18 4.56
N ASP B 102 -31.13 -5.01 4.39
CA ASP B 102 -30.26 -4.91 3.20
C ASP B 102 -31.00 -5.56 2.02
N LYS B 103 -30.36 -5.56 0.85
CA LYS B 103 -31.11 -5.97 -0.33
C LYS B 103 -31.45 -7.45 -0.25
N PHE B 104 -30.76 -8.22 0.61
CA PHE B 104 -31.03 -9.64 0.79
C PHE B 104 -31.86 -9.88 2.05
N GLY B 105 -32.45 -8.82 2.61
CA GLY B 105 -33.40 -8.93 3.73
C GLY B 105 -32.74 -8.95 5.12
N LYS B 106 -31.40 -8.85 5.18
CA LYS B 106 -30.74 -8.98 6.48
C LYS B 106 -30.83 -7.69 7.29
N THR B 107 -30.99 -7.85 8.60
CA THR B 107 -30.99 -6.74 9.55
C THR B 107 -29.69 -6.74 10.33
N ALA B 108 -29.50 -5.67 11.10
CA ALA B 108 -28.34 -5.59 11.96
C ALA B 108 -28.41 -6.68 13.03
N PHE B 109 -29.63 -7.05 13.45
CA PHE B 109 -29.78 -8.18 14.36
C PHE B 109 -29.19 -9.45 13.72
N ASP B 110 -29.54 -9.70 12.45
CA ASP B 110 -29.09 -10.89 11.75
C ASP B 110 -27.57 -10.90 11.67
N ILE B 111 -27.00 -9.76 11.33
CA ILE B 111 -25.54 -9.66 11.26
C ILE B 111 -24.90 -9.96 12.62
N SER B 112 -25.46 -9.37 13.69
N SER B 112 -25.49 -9.42 13.70
CA SER B 112 -24.96 -9.59 15.04
CA SER B 112 -24.94 -9.60 15.04
C SER B 112 -24.93 -11.09 15.34
C SER B 112 -24.97 -11.07 15.44
N ILE B 113 -26.01 -11.81 15.02
CA ILE B 113 -26.08 -13.25 15.31
C ILE B 113 -25.01 -14.01 14.51
N ASP B 114 -24.87 -13.70 13.23
CA ASP B 114 -23.85 -14.32 12.40
C ASP B 114 -22.46 -14.20 13.04
N ASN B 115 -22.20 -13.09 13.75
CA ASN B 115 -20.87 -12.81 14.26
C ASN B 115 -20.70 -13.26 15.70
N GLY B 116 -21.75 -13.85 16.29
CA GLY B 116 -21.67 -14.26 17.67
C GLY B 116 -21.76 -13.07 18.61
N ASN B 117 -22.23 -11.92 18.09
CA ASN B 117 -22.35 -10.73 18.92
C ASN B 117 -23.67 -10.85 19.69
N GLU B 118 -23.72 -11.77 20.67
CA GLU B 118 -24.97 -12.15 21.34
C GLU B 118 -25.58 -11.00 22.14
N ASP B 119 -24.73 -10.24 22.85
CA ASP B 119 -25.20 -9.11 23.62
C ASP B 119 -25.79 -8.02 22.72
N LEU B 120 -25.12 -7.72 21.60
CA LEU B 120 -25.66 -6.71 20.69
C LEU B 120 -27.00 -7.20 20.15
N ALA B 121 -27.09 -8.49 19.85
CA ALA B 121 -28.32 -9.04 19.30
C ALA B 121 -29.48 -8.84 20.27
N GLU B 122 -29.21 -9.06 21.57
CA GLU B 122 -30.18 -8.88 22.63
C GLU B 122 -30.61 -7.40 22.72
N ILE B 123 -29.66 -6.47 22.62
CA ILE B 123 -30.00 -5.06 22.65
C ILE B 123 -30.99 -4.77 21.51
N LEU B 124 -30.62 -5.17 20.28
CA LEU B 124 -31.41 -4.83 19.10
C LEU B 124 -32.83 -5.41 19.18
N GLN B 125 -32.95 -6.60 19.75
CA GLN B 125 -34.22 -7.30 19.84
C GLN B 125 -35.18 -6.53 20.76
N LYS B 126 -34.64 -5.95 21.84
CA LYS B 126 -35.44 -5.23 22.83
C LYS B 126 -35.98 -3.92 22.27
N LEU B 127 -35.45 -3.46 21.12
CA LEU B 127 -35.94 -2.24 20.49
C LEU B 127 -37.05 -2.57 19.48
N ASN B 128 -37.81 -3.63 19.75
CA ASN B 128 -39.05 -3.90 19.05
C ASN B 128 -40.08 -4.41 20.06
N VAL C 6 10.71 1.84 20.23
CA VAL C 6 10.25 2.30 21.59
C VAL C 6 9.24 3.45 21.43
N SER C 7 8.76 3.69 20.19
CA SER C 7 7.52 4.42 20.00
C SER C 7 6.55 3.54 19.22
N LYS C 8 5.25 3.83 19.41
CA LYS C 8 4.20 3.14 18.70
C LYS C 8 4.31 3.52 17.22
N GLY C 9 4.70 4.76 16.95
CA GLY C 9 4.78 5.25 15.59
C GLY C 9 5.80 4.48 14.73
N GLU C 10 6.89 4.06 15.40
N GLU C 10 6.89 3.99 15.33
CA GLU C 10 7.95 3.18 14.88
CA GLU C 10 7.91 3.32 14.53
C GLU C 10 7.37 2.08 14.00
C GLU C 10 7.37 2.03 13.93
N GLU C 11 6.25 1.50 14.47
CA GLU C 11 5.68 0.28 13.90
C GLU C 11 5.11 0.53 12.51
N LEU C 12 4.82 1.79 12.19
CA LEU C 12 4.26 2.13 10.89
C LEU C 12 5.31 2.09 9.80
N PHE C 13 6.61 1.96 10.16
CA PHE C 13 7.69 2.15 9.22
C PHE C 13 8.48 0.87 8.97
N THR C 14 7.99 -0.28 9.45
CA THR C 14 8.78 -1.51 9.41
C THR C 14 8.86 -2.13 8.00
N GLY C 15 8.01 -1.70 7.06
CA GLY C 15 8.09 -2.13 5.69
C GLY C 15 8.16 -0.93 4.76
N VAL C 16 7.73 -1.16 3.51
CA VAL C 16 7.79 -0.13 2.50
C VAL C 16 6.50 0.71 2.61
N VAL C 17 6.68 2.02 2.69
CA VAL C 17 5.57 2.95 2.86
C VAL C 17 5.49 3.83 1.63
N PRO C 18 4.31 4.01 1.02
CA PRO C 18 4.21 4.92 -0.12
C PRO C 18 4.29 6.36 0.38
N ILE C 19 4.81 7.24 -0.50
CA ILE C 19 5.06 8.62 -0.18
C ILE C 19 4.40 9.46 -1.26
N LEU C 20 3.80 10.57 -0.83
CA LEU C 20 3.36 11.62 -1.75
C LEU C 20 3.92 12.92 -1.23
N VAL C 21 4.41 13.79 -2.13
CA VAL C 21 4.96 15.09 -1.78
C VAL C 21 4.28 16.12 -2.66
N GLU C 22 3.75 17.19 -2.07
N GLU C 22 3.76 17.17 -2.02
CA GLU C 22 3.10 18.24 -2.85
CA GLU C 22 3.13 18.27 -2.76
C GLU C 22 3.58 19.60 -2.35
C GLU C 22 3.78 19.57 -2.28
N LEU C 23 4.26 20.36 -3.24
N LEU C 23 4.18 20.39 -3.25
CA LEU C 23 4.88 21.64 -2.90
CA LEU C 23 4.81 21.65 -2.92
C LEU C 23 4.27 22.77 -3.74
C LEU C 23 4.24 22.77 -3.76
N ASP C 24 3.88 23.88 -3.09
CA ASP C 24 3.48 25.08 -3.79
C ASP C 24 4.51 26.14 -3.39
N GLY C 25 5.12 26.74 -4.41
CA GLY C 25 6.19 27.68 -4.16
C GLY C 25 5.99 29.02 -4.87
N ASP C 26 6.63 30.05 -4.29
CA ASP C 26 6.66 31.37 -4.91
C ASP C 26 8.06 31.92 -4.62
N VAL C 27 8.89 32.07 -5.67
CA VAL C 27 10.24 32.60 -5.49
C VAL C 27 10.39 33.87 -6.28
N ASN C 28 10.59 35.01 -5.58
CA ASN C 28 10.65 36.32 -6.23
C ASN C 28 9.42 36.52 -7.11
N GLY C 29 8.27 35.99 -6.68
CA GLY C 29 7.06 36.18 -7.47
C GLY C 29 6.82 35.11 -8.55
N HIS C 30 7.83 34.27 -8.85
CA HIS C 30 7.64 33.16 -9.78
C HIS C 30 6.94 32.02 -9.03
N LYS C 31 5.68 31.74 -9.42
CA LYS C 31 4.93 30.69 -8.75
C LYS C 31 5.18 29.36 -9.47
N PHE C 32 5.18 28.28 -8.71
CA PHE C 32 5.34 26.95 -9.26
C PHE C 32 4.82 25.90 -8.28
N SER C 33 4.59 24.69 -8.81
CA SER C 33 4.17 23.55 -8.01
C SER C 33 5.01 22.34 -8.39
N VAL C 34 5.24 21.49 -7.40
CA VAL C 34 5.94 20.23 -7.59
C VAL C 34 5.12 19.12 -6.95
N SER C 35 5.06 17.96 -7.62
N SER C 35 4.99 17.99 -7.67
CA SER C 35 4.41 16.80 -7.06
CA SER C 35 4.44 16.78 -7.10
C SER C 35 5.35 15.60 -7.18
C SER C 35 5.52 15.71 -7.11
N GLY C 36 5.57 14.89 -6.05
CA GLY C 36 6.43 13.71 -6.06
C GLY C 36 5.74 12.47 -5.52
N GLU C 37 6.16 11.29 -6.00
N GLU C 37 6.17 11.30 -6.00
CA GLU C 37 5.64 10.03 -5.51
CA GLU C 37 5.68 10.04 -5.48
C GLU C 37 6.77 9.00 -5.48
C GLU C 37 6.83 9.06 -5.41
N GLY C 38 6.70 8.10 -4.48
CA GLY C 38 7.63 7.00 -4.42
C GLY C 38 7.41 6.23 -3.13
N GLU C 39 8.51 5.81 -2.52
CA GLU C 39 8.45 4.87 -1.42
C GLU C 39 9.57 5.15 -0.44
N GLY C 40 9.25 4.89 0.82
CA GLY C 40 10.24 4.94 1.85
C GLY C 40 10.37 3.61 2.57
N ASP C 41 11.63 3.26 2.86
CA ASP C 41 11.98 1.99 3.48
C ASP C 41 12.89 2.27 4.68
N ALA C 42 12.27 2.71 5.79
CA ALA C 42 13.01 3.32 6.87
C ALA C 42 13.89 2.33 7.63
N THR C 43 13.60 1.05 7.54
CA THR C 43 14.45 0.03 8.14
C THR C 43 15.89 0.25 7.65
N TYR C 44 16.03 0.66 6.40
CA TYR C 44 17.32 0.75 5.72
C TYR C 44 17.68 2.21 5.43
N GLY C 45 16.84 3.18 5.86
CA GLY C 45 17.06 4.60 5.70
C GLY C 45 16.90 5.03 4.25
N LYS C 46 16.18 4.21 3.50
N LYS C 46 16.08 4.31 3.47
CA LYS C 46 16.13 4.39 2.05
CA LYS C 46 16.10 4.37 2.00
C LYS C 46 14.86 5.17 1.66
C LYS C 46 14.85 5.03 1.39
N LEU C 47 15.04 6.11 0.72
N LEU C 47 15.08 6.05 0.53
CA LEU C 47 13.95 6.73 -0.02
CA LEU C 47 14.05 6.91 -0.01
C LEU C 47 14.24 6.64 -1.50
C LEU C 47 14.22 6.88 -1.53
N THR C 48 13.14 6.51 -2.25
CA THR C 48 13.16 6.54 -3.71
C THR C 48 11.97 7.39 -4.17
N LEU C 49 12.25 8.49 -4.88
CA LEU C 49 11.18 9.39 -5.27
C LEU C 49 11.42 9.94 -6.68
N LYS C 50 10.32 10.27 -7.34
CA LYS C 50 10.36 11.00 -8.59
C LYS C 50 9.44 12.20 -8.49
N PHE C 51 9.96 13.38 -8.88
CA PHE C 51 9.26 14.62 -8.73
C PHE C 51 9.04 15.23 -10.12
N ILE C 52 7.87 15.84 -10.34
N ILE C 52 7.91 15.90 -10.29
CA ILE C 52 7.63 16.57 -11.59
CA ILE C 52 7.58 16.59 -11.53
C ILE C 52 7.17 17.99 -11.24
C ILE C 52 7.27 18.04 -11.16
N CYS C 53 7.66 18.98 -12.01
CA CYS C 53 7.13 20.32 -11.91
C CYS C 53 5.78 20.36 -12.63
N THR C 54 4.67 20.45 -11.88
CA THR C 54 3.34 20.33 -12.47
C THR C 54 2.88 21.62 -13.14
N THR C 55 3.60 22.73 -12.95
CA THR C 55 3.29 24.00 -13.59
C THR C 55 4.16 24.23 -14.83
N GLY C 56 5.02 23.24 -15.18
CA GLY C 56 5.80 23.24 -16.41
C GLY C 56 7.32 23.29 -16.15
N LYS C 57 7.86 24.49 -16.26
CA LYS C 57 9.27 24.73 -16.06
C LYS C 57 9.58 25.20 -14.64
N LEU C 58 10.49 24.51 -13.97
CA LEU C 58 10.85 24.89 -12.61
C LEU C 58 11.71 26.15 -12.67
N PRO C 59 11.37 27.24 -11.95
CA PRO C 59 12.11 28.50 -12.02
C PRO C 59 13.37 28.61 -11.19
N VAL C 60 13.63 27.58 -10.38
CA VAL C 60 14.82 27.44 -9.55
C VAL C 60 15.46 26.10 -9.84
N PRO C 61 16.75 25.91 -9.53
CA PRO C 61 17.38 24.60 -9.71
C PRO C 61 16.82 23.53 -8.78
N TRP C 62 16.56 22.34 -9.34
CA TRP C 62 16.06 21.20 -8.57
C TRP C 62 16.87 20.99 -7.30
N PRO C 63 18.23 21.04 -7.31
CA PRO C 63 18.95 20.76 -6.07
C PRO C 63 18.57 21.67 -4.90
N THR C 64 18.10 22.90 -5.19
CA THR C 64 17.76 23.85 -4.13
C THR C 64 16.54 23.40 -3.34
N LEU C 65 15.75 22.44 -3.90
CA LEU C 65 14.47 22.01 -3.34
C LEU C 65 14.58 20.69 -2.61
N VAL C 66 15.74 20.01 -2.68
CA VAL C 66 15.87 18.67 -2.18
C VAL C 66 15.51 18.63 -0.69
N THR C 67 16.07 19.54 0.11
CA THR C 67 15.82 19.42 1.55
C THR C 67 14.36 19.72 1.91
N THR C 68 13.67 20.51 1.08
CA THR C 68 12.29 20.87 1.36
C THR C 68 11.40 19.67 1.04
N LEU C 69 11.66 19.03 -0.10
CA LEU C 69 10.89 17.89 -0.60
C LEU C 69 11.11 16.65 0.26
N1 CRO C 70 12.43 16.45 0.62
CA1 CRO C 70 12.78 15.27 1.44
CB1 CRO C 70 13.49 14.17 0.64
CG1 CRO C 70 12.65 13.74 -0.54
OG1 CRO C 70 14.75 14.64 0.21
C1 CRO C 70 13.54 15.70 2.65
N2 CRO C 70 14.89 15.80 2.70
N3 CRO C 70 12.94 16.34 3.72
C2 CRO C 70 13.92 16.79 4.57
O2 CRO C 70 13.70 17.42 5.59
CA2 CRO C 70 15.18 16.42 3.93
CA3 CRO C 70 11.52 16.64 3.87
C3 CRO C 70 10.76 15.59 4.67
O3 CRO C 70 9.72 15.90 5.23
CB2 CRO C 70 16.39 16.80 4.42
CG2 CRO C 70 17.73 16.56 3.89
CD1 CRO C 70 18.85 17.00 4.63
CD2 CRO C 70 18.01 15.96 2.64
CE1 CRO C 70 20.14 16.87 4.15
CE2 CRO C 70 19.30 15.79 2.17
CZ CRO C 70 20.38 16.23 2.93
OH CRO C 70 21.68 16.13 2.56
N VAL C 71 11.21 14.35 4.56
CA VAL C 71 10.51 13.22 5.15
C VAL C 71 11.51 12.43 6.01
N GLN C 72 11.96 13.10 7.09
CA GLN C 72 13.06 12.60 7.91
C GLN C 72 12.58 11.48 8.82
N CYS C 73 11.28 11.21 8.81
CA CYS C 73 10.74 9.98 9.40
C CYS C 73 11.27 8.72 8.69
N PHE C 74 11.83 8.80 7.47
CA PHE C 74 12.40 7.63 6.79
C PHE C 74 13.90 7.44 7.03
N SER C 75 14.49 8.22 7.94
CA SER C 75 15.86 8.03 8.38
C SER C 75 15.98 6.70 9.11
N ARG C 76 17.12 6.00 8.96
CA ARG C 76 17.37 4.85 9.82
C ARG C 76 18.00 5.30 11.12
N TYR C 77 17.31 4.95 12.21
CA TYR C 77 17.87 4.96 13.55
C TYR C 77 18.35 3.56 13.87
N PRO C 78 19.68 3.36 14.04
CA PRO C 78 20.24 2.08 14.50
C PRO C 78 19.65 1.70 15.85
N ASP C 79 19.79 0.41 16.18
CA ASP C 79 19.18 -0.19 17.35
C ASP C 79 19.58 0.55 18.63
N HIS C 80 20.82 1.08 18.71
CA HIS C 80 21.25 1.75 19.93
C HIS C 80 20.68 3.19 20.00
N MET C 81 19.94 3.64 18.96
CA MET C 81 19.50 5.03 18.92
C MET C 81 17.99 5.17 18.73
N LYS C 82 17.21 4.08 18.73
CA LYS C 82 15.82 4.20 18.34
C LYS C 82 15.04 5.10 19.31
N GLN C 83 15.49 5.20 20.56
CA GLN C 83 14.83 6.05 21.53
C GLN C 83 15.01 7.55 21.28
N HIS C 84 15.79 7.90 20.28
CA HIS C 84 16.02 9.29 19.89
C HIS C 84 15.28 9.69 18.62
N ASP C 85 14.40 8.84 18.09
CA ASP C 85 13.73 9.10 16.82
C ASP C 85 12.41 9.85 17.06
N PHE C 86 12.51 11.18 17.05
CA PHE C 86 11.36 12.04 17.24
C PHE C 86 10.36 11.85 16.10
N PHE C 87 10.91 11.75 14.88
CA PHE C 87 10.09 11.85 13.67
C PHE C 87 9.03 10.74 13.61
N LYS C 88 9.47 9.49 13.81
CA LYS C 88 8.50 8.41 13.75
C LYS C 88 7.56 8.44 14.97
N SER C 89 8.05 8.92 16.14
CA SER C 89 7.26 8.91 17.34
C SER C 89 6.02 9.81 17.24
N ALA C 90 6.12 10.84 16.37
CA ALA C 90 5.05 11.82 16.13
C ALA C 90 3.95 11.27 15.20
N MET C 91 4.20 10.09 14.62
CA MET C 91 3.26 9.48 13.69
C MET C 91 2.24 8.63 14.40
N PRO C 92 1.02 8.45 13.83
CA PRO C 92 0.66 8.93 12.48
C PRO C 92 0.14 10.36 12.34
N GLU C 93 -0.13 11.01 13.47
CA GLU C 93 -0.71 12.35 13.49
C GLU C 93 0.22 13.35 12.80
N GLY C 94 1.54 13.14 12.96
CA GLY C 94 2.57 13.80 12.20
C GLY C 94 3.19 15.00 12.90
N TYR C 95 3.91 15.78 12.10
CA TYR C 95 4.59 16.96 12.62
C TYR C 95 4.55 18.07 11.58
N VAL C 96 4.70 19.28 12.10
CA VAL C 96 4.94 20.45 11.26
C VAL C 96 6.45 20.72 11.24
N GLN C 97 6.98 20.88 10.01
CA GLN C 97 8.40 21.14 9.81
C GLN C 97 8.51 22.54 9.23
N GLU C 98 9.21 23.44 9.92
N GLU C 98 9.18 23.46 9.93
CA GLU C 98 9.40 24.78 9.37
CA GLU C 98 9.40 24.80 9.39
C GLU C 98 10.89 25.09 9.18
C GLU C 98 10.88 25.04 9.15
N ARG C 99 11.22 25.79 8.09
CA ARG C 99 12.60 26.19 7.88
C ARG C 99 12.70 27.64 7.39
N THR C 100 13.86 28.21 7.69
CA THR C 100 14.42 29.30 6.89
C THR C 100 15.73 28.78 6.33
N ILE C 101 15.92 29.01 5.02
CA ILE C 101 17.12 28.56 4.31
C ILE C 101 17.76 29.82 3.72
N PHE C 102 18.94 30.13 4.21
CA PHE C 102 19.64 31.33 3.77
C PHE C 102 20.73 30.92 2.78
N PHE C 103 20.59 31.36 1.54
CA PHE C 103 21.58 31.13 0.50
C PHE C 103 22.62 32.24 0.62
N LYS C 104 23.88 31.86 0.86
N LYS C 104 23.88 31.85 0.86
CA LYS C 104 24.88 32.86 1.14
CA LYS C 104 24.93 32.82 1.09
C LYS C 104 25.03 33.79 -0.06
C LYS C 104 25.01 33.79 -0.08
N ASP C 105 25.01 35.09 0.22
CA ASP C 105 25.17 36.14 -0.78
C ASP C 105 23.98 36.15 -1.76
N ASP C 106 22.83 35.61 -1.33
CA ASP C 106 21.65 35.51 -2.20
C ASP C 106 20.41 35.54 -1.31
N GLY C 107 19.29 35.07 -1.84
CA GLY C 107 18.01 35.13 -1.15
C GLY C 107 17.81 34.00 -0.13
N ASN C 108 16.58 33.92 0.36
CA ASN C 108 16.22 32.93 1.36
C ASN C 108 14.89 32.28 0.98
N TYR C 109 14.77 30.99 1.31
CA TYR C 109 13.49 30.30 1.32
C TYR C 109 12.96 30.21 2.76
N LYS C 110 11.66 30.41 2.91
N LYS C 110 11.65 30.39 2.90
CA LYS C 110 10.97 30.04 4.13
CA LYS C 110 10.97 30.03 4.13
C LYS C 110 9.94 28.97 3.78
C LYS C 110 9.91 28.99 3.80
N THR C 111 9.88 27.91 4.59
CA THR C 111 9.00 26.78 4.27
C THR C 111 8.21 26.35 5.48
N ARG C 112 6.95 25.95 5.22
CA ARG C 112 6.13 25.29 6.23
C ARG C 112 5.57 24.02 5.60
N ALA C 113 5.79 22.90 6.27
CA ALA C 113 5.32 21.60 5.81
C ALA C 113 4.56 20.88 6.91
N GLU C 114 3.53 20.14 6.46
CA GLU C 114 2.91 19.15 7.31
C GLU C 114 3.27 17.76 6.79
N VAL C 115 3.79 16.89 7.66
CA VAL C 115 4.20 15.53 7.34
C VAL C 115 3.37 14.60 8.22
N LYS C 116 2.57 13.73 7.60
N LYS C 116 2.47 13.81 7.61
CA LYS C 116 1.61 12.92 8.33
CA LYS C 116 1.54 12.96 8.33
C LYS C 116 1.06 11.84 7.40
C LYS C 116 1.03 11.86 7.40
N PHE C 117 0.46 10.81 7.99
CA PHE C 117 -0.27 9.81 7.23
C PHE C 117 -1.63 10.36 6.76
N GLU C 118 -1.93 10.11 5.47
CA GLU C 118 -3.24 10.35 4.89
C GLU C 118 -3.62 9.02 4.28
N GLY C 119 -4.63 8.36 4.85
CA GLY C 119 -4.81 6.93 4.63
C GLY C 119 -3.50 6.20 4.98
N ASP C 120 -3.05 5.32 4.07
N ASP C 120 -3.03 5.28 4.14
CA ASP C 120 -1.85 4.49 4.23
CA ASP C 120 -1.80 4.56 4.47
C ASP C 120 -0.55 5.19 3.81
C ASP C 120 -0.58 5.16 3.77
N THR C 121 -0.67 6.42 3.29
CA THR C 121 0.41 7.10 2.59
C THR C 121 1.03 8.15 3.51
N LEU C 122 2.36 8.22 3.56
CA LEU C 122 3.05 9.33 4.18
C LEU C 122 3.10 10.51 3.18
N VAL C 123 2.53 11.63 3.61
CA VAL C 123 2.34 12.79 2.75
C VAL C 123 3.06 14.00 3.35
N ASN C 124 3.88 14.63 2.51
CA ASN C 124 4.58 15.85 2.83
C ASN C 124 4.00 16.99 2.01
N ARG C 125 3.28 17.91 2.67
CA ARG C 125 2.64 19.02 1.98
C ARG C 125 3.32 20.34 2.39
N ILE C 126 3.83 21.08 1.41
CA ILE C 126 4.73 22.18 1.72
C ILE C 126 4.27 23.45 1.04
N GLU C 127 4.39 24.57 1.77
N GLU C 127 4.43 24.57 1.75
CA GLU C 127 4.38 25.90 1.16
CA GLU C 127 4.36 25.90 1.14
C GLU C 127 5.78 26.52 1.28
C GLU C 127 5.74 26.57 1.29
N LEU C 128 6.26 27.09 0.17
CA LEU C 128 7.59 27.69 0.12
C LEU C 128 7.45 29.11 -0.43
N LYS C 129 8.10 30.04 0.27
CA LYS C 129 8.20 31.42 -0.17
C LYS C 129 9.67 31.83 -0.23
N GLY C 130 10.11 32.29 -1.40
CA GLY C 130 11.49 32.73 -1.56
C GLY C 130 11.52 34.21 -1.90
N ILE C 131 12.46 34.93 -1.32
CA ILE C 131 12.57 36.36 -1.51
C ILE C 131 14.05 36.79 -1.60
N ASP C 132 14.23 37.96 -2.23
CA ASP C 132 15.51 38.67 -2.28
C ASP C 132 16.56 37.92 -3.11
N PHE C 133 16.13 37.08 -4.06
CA PHE C 133 17.12 36.42 -4.89
C PHE C 133 17.62 37.38 -5.96
N LYS C 134 18.90 37.23 -6.29
CA LYS C 134 19.51 38.04 -7.35
C LYS C 134 19.16 37.44 -8.70
N GLU C 135 18.80 38.30 -9.65
N GLU C 135 18.84 38.29 -9.68
CA GLU C 135 18.38 37.85 -10.97
CA GLU C 135 18.36 37.82 -10.98
C GLU C 135 19.46 37.01 -11.65
C GLU C 135 19.46 37.08 -11.75
N ASP C 136 20.72 37.41 -11.46
CA ASP C 136 21.86 36.76 -12.11
C ASP C 136 22.71 35.95 -11.13
N GLY C 137 22.15 35.66 -9.95
CA GLY C 137 22.88 34.87 -8.97
C GLY C 137 22.82 33.39 -9.30
N ASN C 138 23.29 32.55 -8.38
CA ASN C 138 23.44 31.14 -8.71
C ASN C 138 22.09 30.43 -8.82
N ILE C 139 21.07 30.92 -8.12
CA ILE C 139 19.78 30.25 -8.06
C ILE C 139 18.94 30.64 -9.28
N LEU C 140 18.61 31.91 -9.43
CA LEU C 140 17.77 32.33 -10.57
C LEU C 140 18.56 32.25 -11.87
N GLY C 141 19.90 32.29 -11.76
CA GLY C 141 20.80 32.12 -12.89
C GLY C 141 21.01 30.67 -13.35
N HIS C 142 20.52 29.70 -12.57
CA HIS C 142 20.70 28.27 -12.83
C HIS C 142 22.17 27.92 -13.05
N LYS C 143 23.00 28.20 -12.04
CA LYS C 143 24.44 27.96 -12.12
C LYS C 143 24.86 26.78 -11.24
N LEU C 144 23.88 26.14 -10.62
CA LEU C 144 24.10 24.96 -9.79
C LEU C 144 24.27 23.72 -10.66
N GLU C 145 25.27 22.90 -10.34
CA GLU C 145 25.39 21.57 -10.94
C GLU C 145 24.22 20.70 -10.50
N TYR C 146 23.84 19.78 -11.39
CA TYR C 146 22.78 18.83 -11.05
C TYR C 146 23.36 17.64 -10.30
N ASN C 147 23.60 17.84 -9.02
N ASN C 147 23.53 17.84 -9.01
CA ASN C 147 24.22 16.86 -8.16
CA ASN C 147 24.31 16.95 -8.17
C ASN C 147 24.01 17.30 -6.73
C ASN C 147 24.00 17.31 -6.72
N TYR C 148 24.56 16.52 -5.79
CA TYR C 148 24.31 16.71 -4.38
C TYR C 148 25.43 16.12 -3.57
N ASN C 149 25.68 16.71 -2.38
CA ASN C 149 26.69 16.28 -1.45
C ASN C 149 26.05 15.49 -0.31
N SER C 150 26.92 15.09 0.62
CA SER C 150 26.57 14.25 1.77
C SER C 150 26.78 15.09 3.02
N HIS C 151 25.72 15.22 3.83
CA HIS C 151 25.66 16.19 4.90
C HIS C 151 25.48 15.56 6.28
N ASN C 152 25.76 16.36 7.32
CA ASN C 152 25.41 16.07 8.70
C ASN C 152 24.29 17.03 9.11
N VAL C 153 23.15 16.47 9.54
CA VAL C 153 21.98 17.21 9.97
C VAL C 153 21.94 17.19 11.49
N TYR C 154 22.17 18.31 12.17
CA TYR C 154 22.33 18.31 13.62
C TYR C 154 20.97 18.52 14.29
N ILE C 155 20.68 17.67 15.29
CA ILE C 155 19.37 17.63 15.92
C ILE C 155 19.55 17.83 17.41
N MET C 156 18.71 18.70 17.98
CA MET C 156 18.65 18.77 19.43
C MET C 156 17.19 18.92 19.89
N ALA C 157 16.91 18.45 21.08
CA ALA C 157 15.55 18.53 21.58
C ALA C 157 15.27 19.98 21.95
N ASP C 158 14.02 20.40 21.81
CA ASP C 158 13.48 21.58 22.47
C ASP C 158 12.43 21.08 23.47
N LYS C 159 12.87 20.75 24.67
CA LYS C 159 12.05 19.99 25.60
C LYS C 159 10.81 20.80 25.97
N GLN C 160 11.01 22.10 26.15
CA GLN C 160 9.95 23.00 26.60
C GLN C 160 8.78 23.02 25.60
N LYS C 161 9.10 22.89 24.32
CA LYS C 161 8.10 22.95 23.24
C LYS C 161 7.75 21.57 22.66
N ASN C 162 8.24 20.49 23.26
CA ASN C 162 7.93 19.13 22.83
C ASN C 162 8.29 18.85 21.37
N GLY C 163 9.45 19.33 20.95
CA GLY C 163 9.86 19.22 19.56
C GLY C 163 11.38 19.20 19.45
N ILE C 164 11.85 19.47 18.24
CA ILE C 164 13.28 19.43 17.96
C ILE C 164 13.64 20.68 17.18
N LYS C 165 14.90 21.09 17.36
CA LYS C 165 15.51 22.12 16.55
C LYS C 165 16.65 21.50 15.74
N VAL C 166 16.82 21.93 14.49
CA VAL C 166 17.71 21.24 13.57
C VAL C 166 18.46 22.32 12.79
N ASN C 167 19.74 22.10 12.56
N ASN C 167 19.75 22.11 12.58
CA ASN C 167 20.52 23.05 11.79
CA ASN C 167 20.56 23.05 11.83
C ASN C 167 21.60 22.30 11.02
C ASN C 167 21.61 22.30 11.02
N PHE C 168 21.88 22.81 9.81
CA PHE C 168 22.95 22.28 8.98
C PHE C 168 23.14 23.24 7.80
N LYS C 169 24.29 23.17 7.14
CA LYS C 169 24.49 23.83 5.86
C LYS C 169 24.56 22.80 4.73
N ILE C 170 23.84 23.07 3.63
CA ILE C 170 23.91 22.28 2.41
C ILE C 170 24.96 22.94 1.52
N ARG C 171 25.80 22.11 0.91
CA ARG C 171 26.82 22.56 -0.04
C ARG C 171 26.32 22.26 -1.46
N HIS C 172 26.06 23.33 -2.23
CA HIS C 172 25.65 23.18 -3.61
C HIS C 172 26.81 23.50 -4.55
N ASN C 173 27.30 22.51 -5.30
CA ASN C 173 28.38 22.74 -6.25
C ASN C 173 27.90 23.65 -7.38
N ILE C 174 28.70 24.66 -7.71
N ILE C 174 28.68 24.70 -7.61
CA ILE C 174 28.44 25.59 -8.80
CA ILE C 174 28.51 25.62 -8.73
C ILE C 174 29.29 25.25 -10.03
C ILE C 174 29.36 25.16 -9.91
N GLU C 175 28.76 25.57 -11.23
N GLU C 175 28.92 25.57 -11.11
CA GLU C 175 29.42 25.24 -12.49
CA GLU C 175 29.49 25.14 -12.38
C GLU C 175 30.91 25.61 -12.51
C GLU C 175 30.86 25.77 -12.67
N ASP C 176 31.31 26.69 -11.82
CA ASP C 176 32.65 27.23 -11.96
C ASP C 176 33.64 26.66 -10.95
N GLY C 177 33.20 25.69 -10.16
CA GLY C 177 34.04 25.03 -9.17
C GLY C 177 33.90 25.58 -7.76
N SER C 178 33.14 26.65 -7.60
CA SER C 178 32.84 27.17 -6.27
C SER C 178 31.69 26.36 -5.65
N VAL C 179 31.43 26.61 -4.35
CA VAL C 179 30.35 25.97 -3.60
C VAL C 179 29.44 27.05 -3.02
N GLN C 180 28.14 26.92 -3.26
CA GLN C 180 27.11 27.80 -2.71
C GLN C 180 26.53 27.15 -1.46
N LEU C 181 26.71 27.81 -0.31
CA LEU C 181 26.16 27.31 0.95
C LEU C 181 24.71 27.75 1.13
N ALA C 182 23.91 26.86 1.72
CA ALA C 182 22.52 27.11 2.05
C ALA C 182 22.39 26.76 3.52
N ASP C 183 22.27 27.78 4.36
CA ASP C 183 22.28 27.61 5.81
C ASP C 183 20.83 27.32 6.25
N HIS C 184 20.60 26.12 6.79
CA HIS C 184 19.24 25.68 7.10
C HIS C 184 18.96 25.81 8.61
N TYR C 185 17.89 26.54 8.97
CA TYR C 185 17.39 26.62 10.36
C TYR C 185 16.00 25.97 10.38
N GLN C 186 15.77 25.00 11.26
CA GLN C 186 14.62 24.12 11.17
C GLN C 186 14.07 23.85 12.56
N GLN C 187 12.74 23.71 12.62
N GLN C 187 12.72 23.76 12.65
CA GLN C 187 12.10 23.26 13.82
CA GLN C 187 12.03 23.34 13.86
C GLN C 187 10.96 22.32 13.42
C GLN C 187 10.90 22.38 13.47
N ASN C 188 10.73 21.34 14.29
CA ASN C 188 9.68 20.36 14.08
C ASN C 188 8.85 20.29 15.35
N THR C 189 7.53 20.37 15.19
N THR C 189 7.52 20.30 15.17
CA THR C 189 6.61 20.32 16.30
CA THR C 189 6.56 20.39 16.25
C THR C 189 5.55 19.27 16.00
C THR C 189 5.49 19.32 16.03
N PRO C 190 5.19 18.41 16.98
CA PRO C 190 4.17 17.40 16.72
C PRO C 190 2.81 18.06 16.51
N ILE C 191 1.99 17.38 15.68
CA ILE C 191 0.64 17.83 15.42
C ILE C 191 -0.28 17.30 16.53
N GLY C 192 -0.08 16.06 16.98
CA GLY C 192 -0.93 15.49 18.01
C GLY C 192 -0.48 15.90 19.41
N ASP C 193 -1.26 15.43 20.40
CA ASP C 193 -1.04 15.72 21.81
C ASP C 193 -0.43 14.52 22.53
N GLY C 194 -0.27 13.41 21.81
CA GLY C 194 0.32 12.19 22.36
C GLY C 194 1.80 12.38 22.68
N PRO C 195 2.43 11.54 23.53
CA PRO C 195 3.83 11.72 23.86
C PRO C 195 4.77 11.37 22.72
N VAL C 196 5.89 12.08 22.64
CA VAL C 196 6.88 11.91 21.59
C VAL C 196 8.23 11.62 22.24
N LEU C 197 9.15 11.10 21.45
CA LEU C 197 10.51 10.86 21.91
C LEU C 197 11.29 12.16 21.70
N LEU C 198 11.92 12.65 22.78
CA LEU C 198 12.78 13.81 22.64
C LEU C 198 14.23 13.31 22.74
N PRO C 199 15.07 13.64 21.74
CA PRO C 199 16.40 13.05 21.60
C PRO C 199 17.48 13.78 22.38
N ASP C 200 18.54 13.05 22.75
CA ASP C 200 19.82 13.70 23.03
C ASP C 200 20.35 14.28 21.74
N ASN C 201 21.30 15.22 21.85
CA ASN C 201 21.93 15.78 20.64
C ASN C 201 22.53 14.65 19.79
N HIS C 202 22.30 14.73 18.47
CA HIS C 202 22.83 13.75 17.54
C HIS C 202 22.74 14.35 16.15
N TYR C 203 23.05 13.53 15.15
CA TYR C 203 22.97 14.03 13.79
C TYR C 203 22.50 12.92 12.86
N LEU C 204 22.05 13.33 11.67
CA LEU C 204 21.77 12.39 10.63
C LEU C 204 22.86 12.56 9.56
N SER C 205 23.38 11.42 9.09
CA SER C 205 24.32 11.37 7.98
C SER C 205 23.53 11.08 6.72
N THR C 206 23.60 12.01 5.76
CA THR C 206 22.73 11.96 4.60
C THR C 206 23.55 11.71 3.34
N GLN C 207 22.92 10.96 2.43
CA GLN C 207 23.43 10.77 1.08
C GLN C 207 22.26 10.92 0.11
N SER C 208 22.47 11.62 -0.99
CA SER C 208 21.44 11.84 -1.99
C SER C 208 22.09 11.79 -3.35
N ALA C 209 21.42 11.17 -4.34
CA ALA C 209 21.85 11.24 -5.72
C ALA C 209 20.66 11.63 -6.58
N LEU C 210 20.92 12.51 -7.56
CA LEU C 210 19.91 13.04 -8.43
C LEU C 210 20.15 12.49 -9.83
N SER C 211 19.06 12.08 -10.49
CA SER C 211 19.11 11.56 -11.85
C SER C 211 17.90 12.02 -12.65
N LYS C 212 17.81 11.47 -13.85
CA LYS C 212 16.72 11.74 -14.78
C LYS C 212 16.16 10.39 -15.25
N ASP C 213 14.84 10.38 -15.46
CA ASP C 213 14.17 9.24 -16.06
C ASP C 213 14.28 9.37 -17.57
N PRO C 214 14.87 8.38 -18.30
CA PRO C 214 15.07 8.52 -19.75
C PRO C 214 13.75 8.61 -20.53
N ASN C 215 12.67 8.12 -19.92
CA ASN C 215 11.35 8.08 -20.55
C ASN C 215 10.56 9.35 -20.27
N GLU C 216 11.14 10.33 -19.59
CA GLU C 216 10.36 11.44 -19.07
C GLU C 216 10.81 12.76 -19.68
N LYS C 217 9.94 13.46 -20.41
CA LYS C 217 10.28 14.76 -20.92
C LYS C 217 9.80 15.91 -20.04
N ARG C 218 8.90 15.66 -19.06
CA ARG C 218 8.55 16.75 -18.15
C ARG C 218 9.75 17.20 -17.33
N ASP C 219 9.74 18.44 -16.84
CA ASP C 219 10.79 18.87 -15.93
C ASP C 219 10.68 18.08 -14.63
N HIS C 220 11.73 17.38 -14.27
CA HIS C 220 11.60 16.38 -13.22
C HIS C 220 12.94 16.10 -12.54
N MET C 221 12.86 15.35 -11.42
CA MET C 221 14.03 14.90 -10.70
C MET C 221 13.78 13.51 -10.12
N VAL C 222 14.70 12.60 -10.41
CA VAL C 222 14.76 11.30 -9.77
C VAL C 222 15.70 11.41 -8.59
N LEU C 223 15.26 10.92 -7.42
CA LEU C 223 16.04 11.09 -6.20
C LEU C 223 16.13 9.76 -5.45
N LEU C 224 17.39 9.35 -5.19
CA LEU C 224 17.68 8.27 -4.26
C LEU C 224 18.37 8.84 -3.02
N GLU C 225 17.93 8.41 -1.81
N GLU C 225 17.88 8.47 -1.82
CA GLU C 225 18.43 9.00 -0.59
CA GLU C 225 18.58 8.87 -0.62
C GLU C 225 18.61 7.88 0.44
C GLU C 225 18.70 7.73 0.36
N PHE C 226 19.76 7.88 1.15
CA PHE C 226 20.03 7.00 2.25
C PHE C 226 20.46 7.84 3.41
N VAL C 227 19.83 7.61 4.57
CA VAL C 227 20.09 8.49 5.71
C VAL C 227 20.16 7.62 6.96
N THR C 228 21.22 7.79 7.75
CA THR C 228 21.35 7.05 8.99
C THR C 228 21.69 8.01 10.11
N ALA C 229 21.00 7.86 11.25
CA ALA C 229 21.34 8.59 12.47
C ALA C 229 22.67 8.15 13.08
N ALA C 230 23.33 9.11 13.72
CA ALA C 230 24.63 8.87 14.34
C ALA C 230 24.90 9.89 15.44
N GLY C 231 26.02 9.68 16.13
CA GLY C 231 26.51 10.67 17.07
C GLY C 231 26.25 10.27 18.51
N ILE C 232 25.67 9.07 18.69
CA ILE C 232 25.55 8.47 20.02
C ILE C 232 26.34 7.16 20.03
N THR C 233 27.21 7.03 21.02
CA THR C 233 28.08 5.86 21.14
C THR C 233 27.32 4.67 21.72
N ASP D 5 6.05 -6.10 -17.35
CA ASP D 5 7.51 -5.94 -17.08
C ASP D 5 7.93 -6.93 -15.99
N LEU D 6 8.60 -7.99 -16.44
CA LEU D 6 9.09 -9.01 -15.53
C LEU D 6 10.16 -8.44 -14.60
N GLY D 7 10.96 -7.43 -15.04
CA GLY D 7 11.96 -6.84 -14.15
C GLY D 7 11.35 -6.14 -12.92
N LYS D 8 10.30 -5.36 -13.10
CA LYS D 8 9.63 -4.73 -11.97
C LYS D 8 9.09 -5.80 -11.00
N LYS D 9 8.51 -6.86 -11.55
CA LYS D 9 7.91 -7.91 -10.75
C LYS D 9 9.02 -8.60 -9.95
N LEU D 10 10.17 -8.83 -10.58
CA LEU D 10 11.32 -9.48 -9.94
C LEU D 10 11.87 -8.60 -8.81
N LEU D 11 11.93 -7.27 -9.03
CA LEU D 11 12.34 -6.39 -7.92
C LEU D 11 11.40 -6.51 -6.72
N GLU D 12 10.08 -6.49 -7.00
CA GLU D 12 9.07 -6.54 -5.93
C GLU D 12 9.14 -7.88 -5.21
N ALA D 13 9.34 -8.98 -5.96
CA ALA D 13 9.41 -10.30 -5.37
C ALA D 13 10.63 -10.37 -4.48
N ALA D 14 11.76 -9.80 -4.95
CA ALA D 14 13.02 -9.83 -4.22
C ALA D 14 12.88 -9.09 -2.89
N ARG D 15 12.32 -7.86 -2.92
CA ARG D 15 12.12 -7.08 -1.71
C ARG D 15 11.18 -7.79 -0.72
N ALA D 16 10.10 -8.43 -1.23
CA ALA D 16 9.12 -9.05 -0.39
C ALA D 16 9.56 -10.43 0.11
N GLY D 17 10.72 -10.95 -0.37
CA GLY D 17 11.16 -12.27 0.08
C GLY D 17 10.27 -13.40 -0.44
N GLN D 18 9.72 -13.23 -1.65
CA GLN D 18 8.84 -14.22 -2.28
C GLN D 18 9.69 -15.14 -3.14
N ASP D 19 10.30 -16.16 -2.51
CA ASP D 19 11.33 -16.98 -3.13
C ASP D 19 10.80 -17.68 -4.39
N ASP D 20 9.61 -18.27 -4.31
CA ASP D 20 9.07 -19.02 -5.43
C ASP D 20 8.74 -18.07 -6.58
N GLU D 21 8.28 -16.84 -6.27
CA GLU D 21 8.02 -15.86 -7.32
C GLU D 21 9.33 -15.51 -8.05
N VAL D 22 10.41 -15.30 -7.29
CA VAL D 22 11.71 -14.98 -7.88
C VAL D 22 12.11 -16.06 -8.89
N ARG D 23 12.00 -17.33 -8.48
CA ARG D 23 12.40 -18.44 -9.33
C ARG D 23 11.54 -18.51 -10.59
N ILE D 24 10.22 -18.32 -10.45
CA ILE D 24 9.32 -18.43 -11.57
C ILE D 24 9.57 -17.29 -12.56
N LEU D 25 9.68 -16.07 -12.05
CA LEU D 25 9.98 -14.92 -12.90
C LEU D 25 11.27 -15.16 -13.70
N MET D 26 12.31 -15.70 -13.08
N MET D 26 12.31 -15.70 -13.05
CA MET D 26 13.57 -15.94 -13.80
CA MET D 26 13.57 -16.00 -13.70
C MET D 26 13.39 -17.04 -14.84
C MET D 26 13.36 -17.01 -14.83
N ALA D 27 12.62 -18.09 -14.51
CA ALA D 27 12.38 -19.19 -15.44
C ALA D 27 11.65 -18.69 -16.69
N ASN D 28 10.86 -17.63 -16.49
CA ASN D 28 10.04 -17.04 -17.53
C ASN D 28 10.75 -15.88 -18.23
N GLY D 29 12.06 -15.70 -17.96
CA GLY D 29 12.92 -14.85 -18.76
C GLY D 29 13.27 -13.51 -18.11
N ALA D 30 12.90 -13.30 -16.84
CA ALA D 30 13.20 -12.04 -16.18
C ALA D 30 14.70 -11.82 -16.16
N ASP D 31 15.12 -10.58 -16.43
CA ASP D 31 16.53 -10.23 -16.39
C ASP D 31 16.99 -10.16 -14.93
N VAL D 32 17.96 -11.01 -14.56
CA VAL D 32 18.42 -11.09 -13.17
C VAL D 32 19.06 -9.76 -12.77
N ASN D 33 19.55 -9.01 -13.76
CA ASN D 33 20.21 -7.73 -13.50
C ASN D 33 19.31 -6.54 -13.89
N ALA D 34 17.98 -6.75 -13.94
CA ALA D 34 17.05 -5.64 -14.12
C ALA D 34 17.31 -4.60 -13.03
N ASP D 35 17.22 -3.34 -13.37
CA ASP D 35 17.32 -2.31 -12.34
C ASP D 35 16.23 -1.28 -12.55
N ASP D 36 15.87 -0.60 -11.46
CA ASP D 36 14.91 0.48 -11.53
C ASP D 36 15.66 1.76 -11.90
N MET D 37 14.93 2.88 -11.91
CA MET D 37 15.52 4.16 -12.27
C MET D 37 16.47 4.68 -11.18
N PHE D 38 16.49 4.01 -10.05
CA PHE D 38 17.37 4.34 -8.95
C PHE D 38 18.64 3.49 -8.98
N GLY D 39 18.78 2.60 -10.00
CA GLY D 39 19.93 1.71 -10.18
C GLY D 39 19.90 0.48 -9.26
N ILE D 40 18.72 0.21 -8.69
N ILE D 40 18.73 0.24 -8.63
CA ILE D 40 18.58 -0.86 -7.70
CA ILE D 40 18.58 -0.85 -7.67
C ILE D 40 18.20 -2.14 -8.42
C ILE D 40 18.21 -2.14 -8.42
N THR D 41 18.93 -3.22 -8.11
CA THR D 41 18.71 -4.53 -8.69
C THR D 41 18.03 -5.48 -7.71
N PRO D 42 17.57 -6.65 -8.19
CA PRO D 42 17.02 -7.63 -7.24
C PRO D 42 18.02 -8.05 -6.16
N LEU D 43 19.29 -8.24 -6.55
CA LEU D 43 20.27 -8.69 -5.57
C LEU D 43 20.50 -7.60 -4.51
N HIS D 44 20.49 -6.31 -4.88
CA HIS D 44 20.52 -5.26 -3.87
C HIS D 44 19.44 -5.44 -2.79
N LEU D 45 18.20 -5.66 -3.26
CA LEU D 45 17.05 -5.73 -2.37
C LEU D 45 17.14 -6.99 -1.49
N ALA D 46 17.49 -8.16 -2.09
CA ALA D 46 17.53 -9.37 -1.29
C ALA D 46 18.63 -9.31 -0.25
N ALA D 47 19.78 -8.71 -0.61
CA ALA D 47 20.89 -8.58 0.32
C ALA D 47 20.58 -7.64 1.49
N MET D 48 19.88 -6.56 1.16
CA MET D 48 19.48 -5.52 2.10
C MET D 48 18.56 -6.11 3.16
N VAL D 49 17.58 -6.90 2.71
N VAL D 49 17.57 -6.91 2.74
CA VAL D 49 16.55 -7.40 3.63
CA VAL D 49 16.54 -7.40 3.67
C VAL D 49 17.05 -8.63 4.38
C VAL D 49 16.92 -8.74 4.28
N GLY D 50 18.00 -9.35 3.80
CA GLY D 50 18.54 -10.55 4.41
C GLY D 50 17.87 -11.84 3.91
N HIS D 51 17.38 -11.88 2.65
CA HIS D 51 16.76 -13.07 2.07
C HIS D 51 17.85 -13.94 1.43
N LEU D 52 18.43 -14.86 2.21
CA LEU D 52 19.58 -15.63 1.78
C LEU D 52 19.31 -16.55 0.59
N GLU D 53 18.14 -17.19 0.61
N GLU D 53 18.15 -17.22 0.59
CA GLU D 53 17.76 -18.12 -0.44
CA GLU D 53 17.84 -18.13 -0.49
C GLU D 53 17.69 -17.35 -1.76
C GLU D 53 17.68 -17.35 -1.79
N ILE D 54 17.06 -16.18 -1.73
CA ILE D 54 16.90 -15.36 -2.93
C ILE D 54 18.28 -14.88 -3.40
N VAL D 55 19.11 -14.43 -2.47
CA VAL D 55 20.46 -13.99 -2.86
C VAL D 55 21.17 -15.11 -3.64
N GLU D 56 21.15 -16.33 -3.09
CA GLU D 56 21.84 -17.45 -3.72
C GLU D 56 21.27 -17.76 -5.10
N VAL D 57 19.94 -17.76 -5.21
CA VAL D 57 19.29 -17.99 -6.49
C VAL D 57 19.73 -16.98 -7.55
N LEU D 58 19.70 -15.70 -7.19
CA LEU D 58 20.08 -14.66 -8.13
C LEU D 58 21.54 -14.83 -8.55
N LEU D 59 22.43 -15.04 -7.59
CA LEU D 59 23.85 -15.22 -7.91
C LEU D 59 24.06 -16.42 -8.85
N LYS D 60 23.37 -17.53 -8.59
CA LYS D 60 23.52 -18.71 -9.42
C LYS D 60 23.10 -18.42 -10.86
N HIS D 61 22.18 -17.46 -11.05
CA HIS D 61 21.70 -17.06 -12.36
C HIS D 61 22.43 -15.84 -12.90
N GLY D 62 23.55 -15.47 -12.29
CA GLY D 62 24.46 -14.51 -12.89
C GLY D 62 24.21 -13.08 -12.44
N ALA D 63 23.53 -12.88 -11.29
CA ALA D 63 23.38 -11.54 -10.78
C ALA D 63 24.77 -10.92 -10.60
N ASP D 64 24.85 -9.61 -10.89
CA ASP D 64 26.08 -8.85 -10.77
C ASP D 64 26.33 -8.46 -9.31
N VAL D 65 27.36 -9.05 -8.72
CA VAL D 65 27.67 -8.89 -7.32
C VAL D 65 28.28 -7.49 -7.06
N ASN D 66 28.74 -6.77 -8.06
N ASN D 66 28.68 -6.85 -8.17
CA ASN D 66 29.20 -5.42 -7.78
CA ASN D 66 29.36 -5.55 -8.22
C ASN D 66 28.41 -4.44 -8.66
C ASN D 66 28.39 -4.41 -8.54
N ALA D 67 27.10 -4.71 -8.76
CA ALA D 67 26.17 -3.75 -9.29
C ALA D 67 26.09 -2.58 -8.32
N THR D 68 25.93 -1.39 -8.88
CA THR D 68 25.84 -0.18 -8.08
C THR D 68 24.54 0.59 -8.34
N ASP D 69 23.96 1.11 -7.24
CA ASP D 69 22.82 2.01 -7.35
C ASP D 69 23.34 3.43 -7.64
N LEU D 70 22.46 4.44 -7.71
CA LEU D 70 22.83 5.80 -8.05
C LEU D 70 23.84 6.37 -7.09
N LEU D 71 23.85 5.84 -5.84
CA LEU D 71 24.81 6.28 -4.83
C LEU D 71 26.06 5.43 -4.73
N GLY D 72 26.25 4.49 -5.66
CA GLY D 72 27.43 3.65 -5.75
C GLY D 72 27.42 2.53 -4.69
N HIS D 73 26.24 2.25 -4.12
CA HIS D 73 26.18 1.14 -3.16
C HIS D 73 26.10 -0.20 -3.90
N THR D 74 26.87 -1.17 -3.40
CA THR D 74 26.82 -2.52 -3.90
C THR D 74 25.88 -3.31 -2.99
N PRO D 75 25.49 -4.55 -3.39
CA PRO D 75 24.70 -5.36 -2.46
C PRO D 75 25.40 -5.53 -1.11
N LEU D 76 26.74 -5.62 -1.08
CA LEU D 76 27.43 -5.81 0.18
C LEU D 76 27.25 -4.57 1.10
N HIS D 77 27.29 -3.37 0.52
CA HIS D 77 27.04 -2.16 1.30
C HIS D 77 25.68 -2.29 2.00
N LEU D 78 24.65 -2.71 1.24
CA LEU D 78 23.31 -2.77 1.81
C LEU D 78 23.17 -3.86 2.88
N ALA D 79 23.84 -5.00 2.71
CA ALA D 79 23.79 -6.06 3.69
C ALA D 79 24.38 -5.62 5.02
N ALA D 80 25.29 -4.64 4.97
CA ALA D 80 25.99 -4.16 6.15
C ALA D 80 25.12 -3.29 7.07
N ILE D 81 23.93 -2.88 6.59
CA ILE D 81 23.07 -1.97 7.34
C ILE D 81 22.52 -2.70 8.56
N ILE D 82 21.82 -3.82 8.35
CA ILE D 82 21.40 -4.68 9.45
C ILE D 82 22.54 -5.62 9.87
N GLY D 83 23.40 -5.99 8.91
CA GLY D 83 24.56 -6.82 9.20
C GLY D 83 24.24 -8.31 9.05
N HIS D 84 23.74 -8.69 7.87
CA HIS D 84 23.35 -10.06 7.57
C HIS D 84 24.60 -10.89 7.23
N LEU D 85 25.14 -11.60 8.22
CA LEU D 85 26.47 -12.21 8.08
C LEU D 85 26.49 -13.30 7.01
N GLU D 86 25.43 -14.14 6.94
CA GLU D 86 25.39 -15.25 6.00
C GLU D 86 25.34 -14.69 4.56
N ILE D 87 24.66 -13.55 4.40
CA ILE D 87 24.63 -12.87 3.10
C ILE D 87 26.01 -12.28 2.76
N VAL D 88 26.67 -11.65 3.74
CA VAL D 88 28.01 -11.11 3.52
C VAL D 88 28.94 -12.21 3.04
N GLU D 89 28.91 -13.36 3.72
CA GLU D 89 29.75 -14.49 3.36
C GLU D 89 29.49 -14.93 1.91
N VAL D 90 28.22 -15.07 1.52
N VAL D 90 28.22 -15.08 1.53
CA VAL D 90 27.92 -15.58 0.19
CA VAL D 90 27.89 -15.57 0.20
C VAL D 90 28.30 -14.55 -0.86
C VAL D 90 28.33 -14.54 -0.84
N LEU D 91 28.04 -13.25 -0.59
CA LEU D 91 28.48 -12.23 -1.54
C LEU D 91 30.00 -12.27 -1.72
N LEU D 92 30.77 -12.40 -0.64
CA LEU D 92 32.23 -12.42 -0.76
C LEU D 92 32.68 -13.67 -1.53
N LYS D 93 32.05 -14.82 -1.24
CA LYS D 93 32.32 -16.05 -1.99
C LYS D 93 32.05 -15.89 -3.50
N HIS D 94 31.11 -15.01 -3.90
CA HIS D 94 30.83 -14.77 -5.31
C HIS D 94 31.64 -13.61 -5.87
N GLY D 95 32.61 -13.07 -5.11
CA GLY D 95 33.58 -12.12 -5.62
C GLY D 95 33.23 -10.66 -5.34
N ALA D 96 32.37 -10.39 -4.37
CA ALA D 96 32.11 -9.01 -3.98
C ALA D 96 33.42 -8.40 -3.51
N ASP D 97 33.59 -7.10 -3.82
CA ASP D 97 34.76 -6.36 -3.41
C ASP D 97 34.52 -5.80 -2.01
N VAL D 98 35.23 -6.35 -1.02
CA VAL D 98 34.99 -5.97 0.35
C VAL D 98 35.28 -4.48 0.57
N ASN D 99 36.18 -3.91 -0.22
CA ASN D 99 36.62 -2.52 -0.02
C ASN D 99 35.90 -1.52 -0.92
N ALA D 100 34.88 -1.94 -1.65
CA ALA D 100 34.21 -1.03 -2.57
C ALA D 100 33.73 0.23 -1.85
N GLN D 101 33.97 1.39 -2.47
CA GLN D 101 33.50 2.63 -1.91
C GLN D 101 32.26 3.11 -2.67
N ASP D 102 31.30 3.66 -1.95
CA ASP D 102 30.17 4.31 -2.58
C ASP D 102 30.63 5.69 -3.09
N LYS D 103 29.70 6.48 -3.65
CA LYS D 103 30.12 7.73 -4.28
C LYS D 103 30.63 8.76 -3.27
N PHE D 104 30.32 8.56 -1.98
CA PHE D 104 30.80 9.42 -0.92
C PHE D 104 31.91 8.75 -0.10
N GLY D 105 32.52 7.66 -0.63
CA GLY D 105 33.74 7.10 -0.10
C GLY D 105 33.48 6.02 0.96
N LYS D 106 32.22 5.72 1.28
CA LYS D 106 31.95 4.78 2.37
C LYS D 106 32.09 3.34 1.92
N THR D 107 32.64 2.52 2.84
CA THR D 107 32.76 1.08 2.66
C THR D 107 31.68 0.36 3.49
N ALA D 108 31.51 -0.93 3.19
CA ALA D 108 30.70 -1.81 4.03
C ALA D 108 31.20 -1.78 5.47
N PHE D 109 32.53 -1.66 5.67
CA PHE D 109 33.06 -1.53 7.02
C PHE D 109 32.50 -0.30 7.75
N ASP D 110 32.52 0.84 7.06
CA ASP D 110 32.02 2.10 7.58
C ASP D 110 30.54 1.96 7.97
N ILE D 111 29.77 1.31 7.10
CA ILE D 111 28.34 1.14 7.33
C ILE D 111 28.13 0.28 8.58
N SER D 112 28.94 -0.77 8.70
N SER D 112 28.92 -0.79 8.67
CA SER D 112 28.82 -1.69 9.82
CA SER D 112 28.86 -1.68 9.81
C SER D 112 29.09 -0.94 11.12
C SER D 112 29.06 -0.89 11.10
N ILE D 113 30.08 -0.04 11.11
CA ILE D 113 30.39 0.74 12.31
C ILE D 113 29.25 1.70 12.65
N ASP D 114 28.71 2.41 11.65
CA ASP D 114 27.60 3.31 11.90
C ASP D 114 26.41 2.59 12.55
N ASN D 115 26.19 1.30 12.23
CA ASN D 115 25.04 0.58 12.76
C ASN D 115 25.34 -0.18 14.06
N GLY D 116 26.58 -0.12 14.55
CA GLY D 116 26.92 -0.84 15.77
C GLY D 116 27.03 -2.34 15.53
N ASN D 117 27.26 -2.71 14.24
CA ASN D 117 27.37 -4.10 13.81
C ASN D 117 28.81 -4.55 14.07
N GLU D 118 29.13 -4.71 15.36
CA GLU D 118 30.50 -4.79 15.86
C GLU D 118 31.17 -6.07 15.35
N ASP D 119 30.43 -7.17 15.39
CA ASP D 119 30.94 -8.45 14.91
C ASP D 119 31.17 -8.41 13.40
N LEU D 120 30.24 -7.81 12.63
CA LEU D 120 30.49 -7.70 11.20
C LEU D 120 31.70 -6.77 10.93
N ALA D 121 31.84 -5.66 11.66
CA ALA D 121 32.97 -4.76 11.47
C ALA D 121 34.29 -5.49 11.71
N GLU D 122 34.37 -6.27 12.80
CA GLU D 122 35.55 -7.07 13.08
C GLU D 122 35.88 -8.00 11.92
N ILE D 123 34.84 -8.65 11.38
CA ILE D 123 35.00 -9.63 10.33
C ILE D 123 35.57 -8.96 9.07
N LEU D 124 35.05 -7.78 8.72
CA LEU D 124 35.44 -7.14 7.48
C LEU D 124 36.88 -6.62 7.57
N GLN D 125 37.30 -6.21 8.76
CA GLN D 125 38.60 -5.57 8.86
C GLN D 125 39.70 -6.63 8.78
N LYS D 126 39.36 -7.89 9.09
CA LYS D 126 40.29 -9.00 8.93
C LYS D 126 40.46 -9.45 7.48
N LEU D 127 39.68 -8.89 6.54
CA LEU D 127 39.91 -9.21 5.14
C LEU D 127 40.98 -8.30 4.52
N ASN D 128 41.40 -7.26 5.24
CA ASN D 128 42.57 -6.48 4.87
C ASN D 128 43.68 -6.71 5.91
O6 A1H87 E . -20.10 -34.71 -11.69
C12 A1H87 E . -19.62 -34.50 -10.35
C13 A1H87 E . -18.65 -35.59 -9.92
C11 A1H87 E . -18.93 -33.12 -10.57
O5 A1H87 E . -17.64 -33.29 -11.20
C10 A1H87 E . -16.61 -32.55 -10.56
C7 A1H87 E . -15.30 -32.82 -11.29
C9 A1H87 E . -15.65 -32.59 -12.77
O4 A1H87 E . -14.58 -32.12 -13.54
C8 A1H87 E . -14.90 -34.28 -11.06
O3 A1H87 E . -15.16 -34.73 -9.73
C6 A1H87 E . -14.07 -32.02 -10.86
O2 A1H87 E . -14.39 -30.64 -10.86
C5 A1H87 E . -13.74 -29.92 -9.82
C3 A1H87 E . -12.30 -29.77 -10.19
C4 A1H87 E . -11.55 -29.05 -9.10
O1 A1H87 E . -12.16 -29.10 -11.45
C2 A1H87 E . -10.93 -29.43 -12.12
C A1H87 E . -10.62 -28.58 -13.40
C1 A1H87 E . -10.16 -27.17 -13.14
O A1H87 E . -11.80 -28.53 -14.20
C1 EDO F . -28.06 -22.23 5.80
O1 EDO F . -29.25 -22.94 5.49
C2 EDO F . -26.87 -23.04 5.54
O2 EDO F . -27.18 -24.27 4.95
C1 EDO G . -26.66 -16.62 2.41
O1 EDO G . -26.70 -17.31 3.69
C2 EDO G . -27.80 -16.96 1.55
O2 EDO G . -28.86 -15.99 1.56
C1 EDO H . -20.87 -0.46 -21.37
O1 EDO H . -21.18 -0.35 -19.99
C2 EDO H . -19.83 0.50 -21.76
O2 EDO H . -19.33 1.26 -20.67
NA NA I . -23.45 -8.59 -18.58
C1 EDO J . -36.09 -9.40 12.70
O1 EDO J . -35.46 -8.36 13.44
C2 EDO J . -35.19 -10.45 12.20
O2 EDO J . -33.89 -9.93 12.01
C1 EDO K . -37.14 -11.08 5.98
O1 EDO K . -36.17 -11.19 4.94
C2 EDO K . -37.38 -12.30 6.82
O2 EDO K . -36.88 -12.39 8.16
C1 EDO L . -11.78 8.52 16.24
O1 EDO L . -12.84 7.90 15.62
C2 EDO L . -10.49 7.96 15.83
O2 EDO L . -10.63 6.64 15.32
C1 EDO M . -1.85 5.11 10.11
O1 EDO M . -1.56 4.80 8.77
C2 EDO M . -3.20 5.71 10.17
O2 EDO M . -3.27 6.98 10.74
C TRS N . -12.68 2.80 0.25
C1 TRS N . -13.54 1.61 -0.19
C2 TRS N . -12.33 2.74 1.75
C3 TRS N . -13.37 4.13 -0.12
N TRS N . -11.38 2.78 -0.50
O1 TRS N . -14.90 1.66 0.26
O2 TRS N . -11.48 1.65 2.10
O3 TRS N . -13.57 4.27 -1.54
C TRS O . -5.07 17.63 4.53
C1 TRS O . -5.87 18.07 5.76
C2 TRS O . -4.48 18.85 3.82
C3 TRS O . -5.97 16.82 3.60
N TRS O . -3.93 16.76 4.97
O1 TRS O . -5.03 18.32 6.88
O2 TRS O . -5.48 19.76 3.40
O3 TRS O . -5.31 16.39 2.42
C TRS P . -29.02 1.63 -3.25
C1 TRS P . -29.47 2.93 -3.89
C2 TRS P . -28.34 0.75 -4.30
C3 TRS P . -30.20 0.89 -2.60
N TRS P . -28.01 1.95 -2.18
O1 TRS P . -29.88 3.88 -2.92
O2 TRS P . -27.05 1.27 -4.62
O3 TRS P . -29.80 0.03 -1.54
O6 A1H87 Q . 19.52 34.39 12.07
C12 A1H87 Q . 19.84 33.20 12.81
C13 A1H87 Q . 19.38 33.27 14.24
C11 A1H87 Q . 18.96 32.21 12.05
O5 A1H87 Q . 17.61 32.64 12.06
C10 A1H87 Q . 16.67 31.57 12.15
C7 A1H87 Q . 15.26 32.16 12.17
C9 A1H87 Q . 15.15 33.03 10.93
O4 A1H87 Q . 13.84 33.07 10.37
C8 A1H87 Q . 15.12 33.03 13.43
O3 A1H87 Q . 15.95 32.56 14.50
C6 A1H87 Q . 14.17 31.09 12.22
O2 A1H87 Q . 14.33 30.18 11.14
C5 A1H87 Q . 13.79 28.88 11.41
C3 A1H87 Q . 12.30 28.91 11.52
C4 A1H87 Q . 11.81 27.57 11.95
O1 A1H87 Q . 11.70 29.32 10.28
C2 A1H87 Q . 10.38 29.86 10.47
C A1H87 Q . 9.59 30.22 9.15
C1 A1H87 Q . 8.70 29.13 8.61
O A1H87 Q . 10.52 30.48 8.12
CAA PXN R . 2.15 31.66 -2.25
CAB PXN R . 2.24 31.77 6.72
CAC PXN R . 2.24 31.19 1.15
OAD PXN R . 3.31 31.42 0.24
CAE PXN R . 3.55 30.34 -0.66
CAF PXN R . 2.45 30.29 -1.70
OAG PXN R . 2.85 29.41 -2.73
OAH PXN R . -0.05 31.14 6.90
CAI PXN R . 0.81 32.24 6.68
CAJ PXN R . 0.45 32.89 5.36
OAK PXN R . 1.55 32.79 4.45
CAL PXN R . 1.43 31.83 3.41
CAM PXN R . 2.20 32.32 2.18
CAN PXN R . 3.65 32.62 2.59
OAO PXN R . 4.26 31.44 3.08
CAP PXN R . 4.95 31.57 4.31
CAQ PXN R . 5.44 30.21 4.77
OAR PXN R . 6.54 30.37 5.65
OAS PXN R . 1.05 37.63 0.59
CAT PXN R . 1.83 37.09 1.62
CAU PXN R . 1.14 35.84 2.13
OAV PXN R . 2.03 34.73 2.07
CAW PXN R . 1.50 33.52 1.56
CAX PXN R . 5.85 29.37 3.60
CAY PXN R . 3.19 36.80 1.06
C1 EDO S . 1.03 22.82 4.47
O1 EDO S . 0.27 23.43 3.46
C2 EDO S . 2.17 23.69 4.76
O2 EDO S . 1.90 24.97 5.35
C1 EDO T . 13.38 21.15 -18.69
O1 EDO T . 13.16 19.81 -18.96
C2 EDO T . 12.16 21.96 -18.85
O2 EDO T . 12.39 23.09 -19.71
C1 EDO U . 13.33 16.30 -19.29
O1 EDO U . 13.10 17.39 -20.20
C2 EDO U . 14.50 16.47 -18.38
O2 EDO U . 15.48 15.44 -18.50
C1 EDO V . 1.11 22.08 -0.97
O1 EDO V . 0.78 23.05 0.00
C2 EDO V . -0.09 21.33 -1.47
O2 EDO V . -0.79 20.55 -0.49
C1 EDO W . 25.86 34.91 -5.56
O1 EDO W . 27.23 34.87 -5.20
C2 EDO W . 25.10 33.74 -5.05
O2 EDO W . 23.99 33.37 -5.83
NA NA X . 18.19 21.80 -12.03
C1 EDO Y . 32.10 3.02 -7.90
O1 EDO Y . 31.89 2.14 -9.00
C2 EDO Y . 30.84 3.74 -7.43
O2 EDO Y . 31.06 4.66 -6.29
C1 EDO Z . 12.75 -1.82 -13.89
O1 EDO Z . 11.36 -1.69 -14.12
C2 EDO Z . 13.27 -3.15 -14.24
O2 EDO Z . 13.15 -3.48 -15.61
C1 EDO AA . 32.03 5.24 9.39
O1 EDO AA . 31.83 4.70 10.68
C2 EDO AA . 31.75 6.68 9.30
O2 EDO AA . 31.30 7.05 8.00
C TRS BA . 11.70 -0.73 -5.37
C1 TRS BA . 12.09 -1.31 -6.74
C2 TRS BA . 12.55 0.50 -5.05
C3 TRS BA . 11.82 -1.78 -4.25
N TRS BA . 10.26 -0.32 -5.43
O1 TRS BA . 11.84 -0.40 -7.84
O2 TRS BA . 13.96 0.23 -5.04
O3 TRS BA . 11.04 -1.45 -3.10
C TRS CA . 3.71 -14.67 -11.65
C1 TRS CA . 2.79 -14.39 -10.48
C2 TRS CA . 2.89 -15.33 -12.75
C3 TRS CA . 4.89 -15.54 -11.21
N TRS CA . 4.21 -13.33 -12.12
O1 TRS CA . 3.00 -15.30 -9.42
O2 TRS CA . 3.67 -15.80 -13.83
O3 TRS CA . 4.48 -16.72 -10.51
C TRS DA . 26.48 4.38 -11.10
C1 TRS DA . 27.88 4.40 -10.45
C2 TRS DA . 26.57 4.08 -12.60
C3 TRS DA . 25.76 5.70 -10.91
N TRS DA . 25.68 3.29 -10.45
O1 TRS DA . 27.83 4.39 -9.03
O2 TRS DA . 27.05 2.78 -12.84
O3 TRS DA . 24.39 5.57 -11.21
#